data_4TVQ
#
_entry.id   4TVQ
#
_cell.length_a   61.855
_cell.length_b   113.552
_cell.length_c   120.034
_cell.angle_alpha   90.00
_cell.angle_beta   90.00
_cell.angle_gamma   90.00
#
_symmetry.space_group_name_H-M   'P 21 21 21'
#
loop_
_entity.id
_entity.type
_entity.pdbx_description
1 polymer 'Cerebral cavernous malformations 3 protein'
2 polymer 'Cerebral cavernous malformations 2 protein'
#
loop_
_entity_poly.entity_id
_entity_poly.type
_entity_poly.pdbx_seq_one_letter_code
_entity_poly.pdbx_strand_id
1 'polypeptide(L)'
;GHMRMTMEEMKNEAETTSMVSMPLYAVMYPVFNELERVNLSAAQTLRAAFIKAEKENPGLTQDIIMKILEKKSVEVNFTE
SLLRMAADDVEEYMIERPEPEFQDLNEKARALKQILSKIPDEINDRVRFLQTIKDIASAIKELLDTVNNVFKKYQYQNRR
ALEHQKKEFVKYSKSFSDTLKTYFKDGKAINVFVSANRLIHQTNLILQTFKTVA
;
A,B,C,D
2 'polypeptide(L)' STIDFLDRAIFDGAST E
#
# COMPACT_ATOMS: atom_id res chain seq x y z
N MET A 19 -2.03 5.16 0.17
CA MET A 19 -3.15 5.43 -0.73
C MET A 19 -4.40 4.72 -0.25
N VAL A 20 -5.56 5.21 -0.67
CA VAL A 20 -6.85 4.67 -0.23
C VAL A 20 -7.15 3.29 -0.81
N SER A 21 -6.35 2.87 -1.79
CA SER A 21 -6.50 1.54 -2.38
C SER A 21 -5.63 0.51 -1.67
N MET A 22 -4.98 0.93 -0.60
CA MET A 22 -4.13 0.03 0.19
C MET A 22 -4.84 -1.17 0.83
N PRO A 23 -6.00 -0.96 1.49
CA PRO A 23 -6.66 -2.10 2.14
C PRO A 23 -7.05 -3.24 1.21
N LEU A 24 -7.07 -2.98 -0.10
CA LEU A 24 -7.30 -4.03 -1.07
C LEU A 24 -6.20 -5.08 -0.97
N TYR A 25 -4.95 -4.64 -1.14
CA TYR A 25 -3.81 -5.52 -1.11
C TYR A 25 -3.41 -5.92 0.32
N ALA A 26 -3.65 -5.01 1.26
CA ALA A 26 -3.25 -5.22 2.64
C ALA A 26 -4.19 -6.16 3.38
N VAL A 27 -5.47 -6.12 3.00
CA VAL A 27 -6.47 -6.95 3.68
C VAL A 27 -7.06 -8.03 2.77
N MET A 28 -7.57 -7.63 1.60
CA MET A 28 -8.27 -8.59 0.75
C MET A 28 -7.33 -9.58 0.09
N TYR A 29 -6.18 -9.10 -0.37
CA TYR A 29 -5.18 -9.96 -0.99
C TYR A 29 -4.71 -11.14 -0.11
N PRO A 30 -4.30 -10.87 1.15
CA PRO A 30 -3.92 -12.02 1.97
C PRO A 30 -5.12 -12.88 2.38
N VAL A 31 -6.28 -12.27 2.53
CA VAL A 31 -7.50 -13.02 2.88
C VAL A 31 -7.82 -14.05 1.79
N PHE A 32 -7.76 -13.61 0.54
CA PHE A 32 -7.98 -14.49 -0.60
C PHE A 32 -6.87 -15.53 -0.72
N ASN A 33 -5.64 -15.09 -0.48
CA ASN A 33 -4.48 -15.98 -0.54
C ASN A 33 -4.51 -17.07 0.53
N GLU A 34 -5.12 -16.77 1.66
CA GLU A 34 -5.17 -17.71 2.78
C GLU A 34 -6.41 -18.58 2.76
N LEU A 35 -6.98 -18.76 1.56
CA LEU A 35 -8.11 -19.65 1.35
C LEU A 35 -7.93 -20.44 0.06
N GLU A 36 -6.70 -20.43 -0.47
CA GLU A 36 -6.42 -21.05 -1.76
C GLU A 36 -6.20 -22.56 -1.66
N ARG A 37 -6.29 -23.10 -0.45
CA ARG A 37 -6.10 -24.54 -0.25
C ARG A 37 -7.44 -25.27 -0.25
N VAL A 38 -8.52 -24.53 -0.01
CA VAL A 38 -9.86 -25.11 -0.04
C VAL A 38 -10.49 -24.91 -1.43
N ASN A 39 -10.23 -23.75 -2.02
CA ASN A 39 -10.72 -23.44 -3.36
C ASN A 39 -9.72 -22.55 -4.10
N LEU A 40 -9.71 -22.65 -5.43
CA LEU A 40 -8.71 -21.93 -6.21
C LEU A 40 -9.32 -20.87 -7.14
N SER A 41 -10.12 -21.31 -8.10
CA SER A 41 -10.68 -20.43 -9.11
C SER A 41 -11.63 -19.39 -8.53
N ALA A 42 -12.34 -19.75 -7.47
CA ALA A 42 -13.25 -18.83 -6.80
C ALA A 42 -12.49 -17.65 -6.21
N ALA A 43 -11.35 -17.96 -5.60
CA ALA A 43 -10.48 -16.93 -5.02
C ALA A 43 -9.97 -16.00 -6.10
N GLN A 44 -9.68 -16.55 -7.28
CA GLN A 44 -9.16 -15.77 -8.38
C GLN A 44 -10.23 -14.86 -8.97
N THR A 45 -11.46 -15.37 -9.01
CA THR A 45 -12.58 -14.58 -9.51
C THR A 45 -12.90 -13.43 -8.54
N LEU A 46 -12.87 -13.73 -7.24
CA LEU A 46 -13.05 -12.70 -6.23
C LEU A 46 -11.97 -11.63 -6.32
N ARG A 47 -10.72 -12.08 -6.42
CA ARG A 47 -9.59 -11.18 -6.60
C ARG A 47 -9.78 -10.28 -7.82
N ALA A 48 -10.18 -10.88 -8.93
CA ALA A 48 -10.38 -10.14 -10.17
C ALA A 48 -11.47 -9.08 -10.02
N ALA A 49 -12.60 -9.50 -9.44
CA ALA A 49 -13.73 -8.60 -9.21
C ALA A 49 -13.34 -7.40 -8.36
N PHE A 50 -12.66 -7.68 -7.24
CA PHE A 50 -12.20 -6.61 -6.36
C PHE A 50 -11.20 -5.69 -7.06
N ILE A 51 -10.29 -6.28 -7.82
CA ILE A 51 -9.30 -5.51 -8.57
C ILE A 51 -9.96 -4.54 -9.54
N LYS A 52 -10.90 -5.04 -10.33
CA LYS A 52 -11.59 -4.18 -11.29
C LYS A 52 -12.41 -3.10 -10.59
N ALA A 53 -13.22 -3.51 -9.62
CA ALA A 53 -14.09 -2.59 -8.91
C ALA A 53 -13.31 -1.47 -8.20
N GLU A 54 -12.14 -1.81 -7.68
CA GLU A 54 -11.29 -0.82 -7.01
C GLU A 54 -10.55 0.05 -8.04
N LYS A 55 -10.20 -0.56 -9.16
CA LYS A 55 -9.48 0.13 -10.23
C LYS A 55 -10.34 1.22 -10.84
N GLU A 56 -11.64 0.94 -10.99
CA GLU A 56 -12.57 1.92 -11.53
C GLU A 56 -13.05 2.88 -10.45
N ASN A 57 -13.15 2.38 -9.22
CA ASN A 57 -13.63 3.19 -8.11
C ASN A 57 -12.69 3.11 -6.91
N PRO A 58 -11.68 3.99 -6.85
CA PRO A 58 -10.69 4.01 -5.77
C PRO A 58 -11.32 4.25 -4.40
N GLY A 59 -10.88 3.48 -3.40
CA GLY A 59 -11.35 3.65 -2.04
C GLY A 59 -12.61 2.85 -1.74
N LEU A 60 -13.06 2.08 -2.72
CA LEU A 60 -14.29 1.30 -2.58
C LEU A 60 -14.10 0.14 -1.60
N THR A 61 -13.01 -0.59 -1.78
CA THR A 61 -12.69 -1.74 -0.94
C THR A 61 -12.66 -1.36 0.53
N GLN A 62 -12.10 -0.18 0.82
CA GLN A 62 -12.08 0.35 2.18
C GLN A 62 -13.49 0.51 2.73
N ASP A 63 -14.39 1.05 1.90
CA ASP A 63 -15.78 1.24 2.30
C ASP A 63 -16.45 -0.09 2.59
N ILE A 64 -16.19 -1.07 1.74
CA ILE A 64 -16.75 -2.41 1.93
C ILE A 64 -16.25 -3.04 3.23
N ILE A 65 -14.94 -2.99 3.45
CA ILE A 65 -14.35 -3.53 4.68
C ILE A 65 -14.93 -2.86 5.91
N MET A 66 -15.07 -1.54 5.87
CA MET A 66 -15.64 -0.80 6.99
C MET A 66 -17.10 -1.17 7.24
N LYS A 67 -17.86 -1.34 6.17
CA LYS A 67 -19.25 -1.77 6.28
C LYS A 67 -19.36 -3.17 6.88
N ILE A 68 -18.41 -4.04 6.54
CA ILE A 68 -18.36 -5.38 7.11
C ILE A 68 -18.05 -5.31 8.60
N LEU A 69 -17.10 -4.45 8.97
CA LEU A 69 -16.75 -4.24 10.37
C LEU A 69 -17.90 -3.61 11.15
N GLU A 70 -18.80 -2.94 10.43
CA GLU A 70 -19.95 -2.30 11.04
C GLU A 70 -21.03 -3.31 11.37
N LYS A 71 -21.09 -4.40 10.60
CA LYS A 71 -22.05 -5.47 10.86
C LYS A 71 -21.48 -6.51 11.82
N LYS A 72 -20.65 -6.05 12.75
CA LYS A 72 -19.94 -6.93 13.68
C LYS A 72 -20.89 -7.75 14.55
N SER A 73 -21.95 -7.13 15.06
CA SER A 73 -22.89 -7.79 15.96
C SER A 73 -23.57 -8.98 15.29
N VAL A 74 -24.08 -8.76 14.08
CA VAL A 74 -24.75 -9.80 13.31
C VAL A 74 -23.79 -10.96 13.06
N GLU A 75 -22.53 -10.62 12.79
CA GLU A 75 -21.53 -11.63 12.47
C GLU A 75 -21.18 -12.47 13.70
N VAL A 76 -21.03 -11.81 14.84
CA VAL A 76 -20.74 -12.51 16.09
C VAL A 76 -21.92 -13.42 16.45
N ASN A 77 -23.13 -12.89 16.31
CA ASN A 77 -24.33 -13.66 16.54
C ASN A 77 -24.38 -14.92 15.68
N PHE A 78 -24.15 -14.74 14.38
CA PHE A 78 -24.16 -15.88 13.47
C PHE A 78 -23.05 -16.89 13.79
N THR A 79 -21.89 -16.40 14.21
CA THR A 79 -20.78 -17.30 14.52
C THR A 79 -21.10 -18.12 15.76
N GLU A 80 -21.77 -17.49 16.72
CA GLU A 80 -22.26 -18.19 17.89
C GLU A 80 -23.25 -19.28 17.48
N SER A 81 -24.20 -18.91 16.62
CA SER A 81 -25.21 -19.86 16.15
C SER A 81 -24.56 -21.03 15.41
N LEU A 82 -23.49 -20.74 14.68
CA LEU A 82 -22.78 -21.71 13.88
C LEU A 82 -22.02 -22.65 14.82
N LEU A 83 -21.58 -22.10 15.95
CA LEU A 83 -20.89 -22.90 16.94
C LEU A 83 -21.86 -23.83 17.68
N ARG A 84 -23.07 -23.32 17.95
CA ARG A 84 -24.09 -24.15 18.60
C ARG A 84 -24.65 -25.20 17.65
N MET A 85 -24.58 -24.92 16.36
CA MET A 85 -25.12 -25.82 15.35
C MET A 85 -24.28 -27.10 15.20
N ALA A 86 -23.03 -27.03 15.63
CA ALA A 86 -22.12 -28.17 15.50
C ALA A 86 -22.45 -29.32 16.45
N ALA A 87 -23.39 -29.09 17.37
CA ALA A 87 -23.79 -30.12 18.32
C ALA A 87 -24.59 -31.22 17.63
N ASP A 88 -25.03 -30.96 16.41
CA ASP A 88 -25.84 -31.91 15.66
C ASP A 88 -25.11 -32.37 14.39
N ARG A 110 -18.29 -36.77 18.57
CA ARG A 110 -19.62 -36.37 18.99
C ARG A 110 -19.58 -35.56 20.29
N ALA A 111 -18.91 -36.11 21.29
CA ALA A 111 -18.78 -35.43 22.58
C ALA A 111 -17.99 -34.13 22.43
N LEU A 112 -16.96 -34.18 21.61
CA LEU A 112 -16.13 -33.01 21.32
C LEU A 112 -16.97 -31.87 20.75
N LYS A 113 -17.81 -32.20 19.76
CA LYS A 113 -18.67 -31.20 19.14
C LYS A 113 -19.68 -30.60 20.11
N GLN A 114 -20.26 -31.44 20.96
CA GLN A 114 -21.25 -30.97 21.93
C GLN A 114 -20.61 -30.06 22.98
N ILE A 115 -19.41 -30.42 23.42
CA ILE A 115 -18.67 -29.60 24.38
C ILE A 115 -18.28 -28.27 23.76
N LEU A 116 -17.85 -28.33 22.50
CA LEU A 116 -17.48 -27.11 21.76
C LEU A 116 -18.68 -26.23 21.44
N SER A 117 -19.86 -26.82 21.43
CA SER A 117 -21.08 -26.10 21.05
C SER A 117 -21.65 -25.26 22.20
N LYS A 118 -21.18 -25.52 23.41
CA LYS A 118 -21.71 -24.83 24.58
C LYS A 118 -20.95 -23.54 24.89
N ILE A 119 -19.82 -23.34 24.20
CA ILE A 119 -18.95 -22.18 24.45
C ILE A 119 -19.62 -20.80 24.49
N PRO A 120 -20.47 -20.47 23.49
CA PRO A 120 -21.05 -19.12 23.50
C PRO A 120 -22.00 -18.86 24.68
N ASP A 121 -22.35 -19.90 25.42
CA ASP A 121 -23.30 -19.77 26.53
C ASP A 121 -22.67 -20.06 27.88
N GLU A 122 -21.40 -20.46 27.87
CA GLU A 122 -20.70 -20.77 29.11
C GLU A 122 -19.58 -19.77 29.40
N ILE A 123 -19.16 -19.04 28.37
CA ILE A 123 -18.03 -18.14 28.49
C ILE A 123 -18.34 -16.91 29.34
N ASN A 124 -19.62 -16.64 29.53
CA ASN A 124 -20.06 -15.50 30.35
C ASN A 124 -19.65 -15.69 31.81
N ASP A 125 -19.95 -16.86 32.36
CA ASP A 125 -19.55 -17.19 33.72
C ASP A 125 -18.14 -17.77 33.71
N ARG A 126 -17.24 -17.17 34.47
CA ARG A 126 -15.83 -17.53 34.46
C ARG A 126 -15.58 -18.97 34.93
N VAL A 127 -16.30 -19.38 35.97
CA VAL A 127 -16.14 -20.72 36.54
C VAL A 127 -16.60 -21.81 35.58
N ARG A 128 -17.84 -21.68 35.11
CA ARG A 128 -18.42 -22.63 34.17
C ARG A 128 -17.54 -22.72 32.92
N PHE A 129 -17.06 -21.56 32.47
CA PHE A 129 -16.19 -21.50 31.30
C PHE A 129 -14.87 -22.22 31.56
N LEU A 130 -14.36 -22.09 32.78
CA LEU A 130 -13.15 -22.81 33.17
C LEU A 130 -13.37 -24.31 33.10
N GLN A 131 -14.49 -24.77 33.65
CA GLN A 131 -14.81 -26.19 33.64
C GLN A 131 -14.98 -26.72 32.22
N THR A 132 -15.60 -25.92 31.35
CA THR A 132 -15.79 -26.32 29.97
C THR A 132 -14.46 -26.32 29.22
N ILE A 133 -13.54 -25.47 29.64
CA ILE A 133 -12.18 -25.46 29.09
C ILE A 133 -11.48 -26.76 29.47
N LYS A 134 -11.68 -27.19 30.72
CA LYS A 134 -11.15 -28.47 31.18
C LYS A 134 -11.72 -29.64 30.38
N ASP A 135 -12.93 -29.47 29.86
CA ASP A 135 -13.59 -30.51 29.08
C ASP A 135 -13.12 -30.50 27.63
N GLU A 168 -2.27 -31.24 9.85
CA GLU A 168 -2.93 -29.94 9.93
C GLU A 168 -3.90 -29.86 11.10
N PHE A 169 -4.64 -30.95 11.32
CA PHE A 169 -5.66 -30.99 12.37
C PHE A 169 -5.10 -30.70 13.76
N VAL A 170 -4.03 -31.40 14.13
CA VAL A 170 -3.40 -31.20 15.42
C VAL A 170 -2.83 -29.79 15.52
N LYS A 171 -2.29 -29.30 14.42
CA LYS A 171 -1.78 -27.93 14.33
C LYS A 171 -2.89 -26.94 14.63
N TYR A 172 -4.08 -27.22 14.10
CA TYR A 172 -5.25 -26.39 14.35
C TYR A 172 -5.73 -26.50 15.80
N SER A 173 -5.51 -27.66 16.41
CA SER A 173 -5.87 -27.88 17.80
C SER A 173 -5.00 -27.04 18.73
N LYS A 174 -3.70 -27.08 18.50
CA LYS A 174 -2.76 -26.30 19.31
C LYS A 174 -2.85 -24.80 19.00
N SER A 175 -3.22 -24.48 17.76
CA SER A 175 -3.47 -23.09 17.39
C SER A 175 -4.71 -22.60 18.12
N PHE A 176 -5.68 -23.50 18.29
CA PHE A 176 -6.87 -23.23 19.07
C PHE A 176 -6.50 -23.01 20.53
N SER A 177 -5.54 -23.78 21.02
CA SER A 177 -5.01 -23.60 22.37
C SER A 177 -4.39 -22.21 22.52
N ASP A 178 -3.62 -21.80 21.51
CA ASP A 178 -3.03 -20.48 21.50
C ASP A 178 -4.10 -19.39 21.48
N THR A 179 -5.18 -19.64 20.75
CA THR A 179 -6.30 -18.71 20.70
C THR A 179 -6.92 -18.54 22.08
N LEU A 180 -7.12 -19.67 22.76
CA LEU A 180 -7.66 -19.65 24.11
C LEU A 180 -6.74 -18.93 25.10
N LYS A 181 -5.43 -19.11 24.93
CA LYS A 181 -4.46 -18.46 25.79
C LYS A 181 -4.44 -16.95 25.55
N THR A 182 -4.66 -16.55 24.30
CA THR A 182 -4.69 -15.14 23.95
C THR A 182 -6.00 -14.48 24.37
N TYR A 183 -7.05 -15.29 24.50
CA TYR A 183 -8.36 -14.78 24.90
C TYR A 183 -8.33 -14.08 26.26
N PHE A 184 -7.70 -14.72 27.23
CA PHE A 184 -7.62 -14.15 28.58
C PHE A 184 -6.81 -12.87 28.65
N LYS A 185 -6.05 -12.59 27.59
CA LYS A 185 -5.36 -11.32 27.46
C LYS A 185 -6.28 -10.31 26.79
N ASP A 186 -6.99 -10.78 25.76
CA ASP A 186 -7.85 -9.90 24.96
C ASP A 186 -9.23 -9.74 25.57
N GLY A 187 -9.94 -10.85 25.72
CA GLY A 187 -11.33 -10.81 26.14
C GLY A 187 -12.24 -10.87 24.93
N LYS A 188 -11.62 -10.95 23.76
CA LYS A 188 -12.34 -11.04 22.50
C LYS A 188 -12.72 -12.49 22.22
N ALA A 189 -13.92 -12.86 22.64
CA ALA A 189 -14.40 -14.24 22.52
C ALA A 189 -14.64 -14.65 21.07
N ILE A 190 -14.71 -13.66 20.19
CA ILE A 190 -14.94 -13.88 18.78
C ILE A 190 -13.88 -14.82 18.19
N ASN A 191 -12.62 -14.58 18.55
CA ASN A 191 -11.52 -15.42 18.11
C ASN A 191 -11.66 -16.86 18.60
N VAL A 192 -12.17 -17.02 19.81
CA VAL A 192 -12.43 -18.34 20.36
C VAL A 192 -13.51 -19.04 19.53
N PHE A 193 -14.55 -18.30 19.18
CA PHE A 193 -15.63 -18.82 18.34
C PHE A 193 -15.08 -19.30 17.00
N VAL A 194 -14.30 -18.43 16.36
CA VAL A 194 -13.69 -18.73 15.06
C VAL A 194 -12.80 -19.96 15.10
N SER A 195 -11.89 -20.01 16.07
CA SER A 195 -10.97 -21.13 16.22
C SER A 195 -11.71 -22.43 16.53
N ALA A 196 -12.80 -22.32 17.27
CA ALA A 196 -13.63 -23.48 17.56
C ALA A 196 -14.27 -23.99 16.28
N ASN A 197 -14.80 -23.09 15.48
CA ASN A 197 -15.41 -23.44 14.20
C ASN A 197 -14.42 -24.03 13.22
N ARG A 198 -13.18 -23.54 13.25
CA ARG A 198 -12.12 -24.07 12.39
C ARG A 198 -11.66 -25.44 12.88
N LEU A 199 -11.72 -25.65 14.19
CA LEU A 199 -11.43 -26.95 14.76
C LEU A 199 -12.49 -27.95 14.31
N ILE A 200 -13.74 -27.51 14.29
CA ILE A 200 -14.85 -28.34 13.81
C ILE A 200 -14.67 -28.68 12.34
N HIS A 201 -14.31 -27.66 11.55
CA HIS A 201 -14.08 -27.84 10.12
C HIS A 201 -12.92 -28.81 9.88
N GLN A 202 -11.95 -28.80 10.78
CA GLN A 202 -10.83 -29.72 10.69
C GLN A 202 -11.22 -31.14 11.07
N THR A 203 -12.13 -31.27 12.04
CA THR A 203 -12.66 -32.58 12.42
C THR A 203 -13.44 -33.17 11.25
N ASN A 204 -14.20 -32.33 10.57
CA ASN A 204 -14.93 -32.75 9.38
C ASN A 204 -13.96 -33.15 8.26
N LEU A 205 -12.94 -32.33 8.07
CA LEU A 205 -11.92 -32.58 7.04
C LEU A 205 -11.20 -33.91 7.28
N ILE A 206 -11.01 -34.25 8.55
CA ILE A 206 -10.37 -35.50 8.92
C ILE A 206 -11.32 -36.68 8.72
N LEU A 207 -12.55 -36.52 9.19
CA LEU A 207 -13.54 -37.60 9.13
C LEU A 207 -13.92 -37.95 7.69
N GLN A 208 -13.93 -36.97 6.80
CA GLN A 208 -14.27 -37.23 5.40
C GLN A 208 -13.11 -37.92 4.67
N THR A 209 -11.91 -37.75 5.18
CA THR A 209 -10.72 -38.35 4.57
C THR A 209 -10.21 -39.52 5.41
N ALA B 14 -34.06 -21.37 -0.32
CA ALA B 14 -34.33 -21.15 1.11
C ALA B 14 -33.98 -22.40 1.92
N GLU B 15 -34.73 -23.46 1.71
CA GLU B 15 -34.50 -24.73 2.41
C GLU B 15 -33.37 -25.50 1.74
N THR B 16 -32.96 -25.04 0.55
CA THR B 16 -31.93 -25.71 -0.21
C THR B 16 -30.54 -25.14 0.04
N THR B 17 -30.50 -23.88 0.48
CA THR B 17 -29.23 -23.22 0.78
C THR B 17 -28.79 -23.47 2.21
N SER B 18 -27.50 -23.77 2.39
CA SER B 18 -26.96 -24.11 3.70
C SER B 18 -27.01 -22.93 4.67
N MET B 19 -27.02 -23.24 5.96
CA MET B 19 -27.04 -22.23 7.01
C MET B 19 -25.74 -21.42 7.04
N VAL B 20 -24.64 -22.07 6.67
CA VAL B 20 -23.33 -21.42 6.67
C VAL B 20 -23.25 -20.28 5.64
N SER B 21 -24.20 -20.25 4.71
CA SER B 21 -24.20 -19.28 3.63
C SER B 21 -24.95 -18.01 4.01
N MET B 22 -25.39 -17.95 5.27
CA MET B 22 -26.13 -16.79 5.76
C MET B 22 -25.41 -15.44 5.73
N PRO B 23 -24.12 -15.38 6.12
CA PRO B 23 -23.36 -14.11 6.07
C PRO B 23 -23.38 -13.43 4.71
N LEU B 24 -23.62 -14.20 3.64
CA LEU B 24 -23.76 -13.62 2.32
C LEU B 24 -24.95 -12.66 2.33
N TYR B 25 -26.11 -13.18 2.72
CA TYR B 25 -27.36 -12.42 2.65
C TYR B 25 -27.55 -11.48 3.83
N ALA B 26 -26.81 -11.71 4.91
CA ALA B 26 -26.95 -10.90 6.12
C ALA B 26 -25.92 -9.79 6.18
N VAL B 27 -24.80 -9.99 5.50
CA VAL B 27 -23.70 -9.02 5.52
C VAL B 27 -23.33 -8.50 4.14
N MET B 28 -23.09 -9.39 3.19
CA MET B 28 -22.65 -9.00 1.85
C MET B 28 -23.76 -8.36 1.01
N TYR B 29 -24.95 -8.98 0.99
CA TYR B 29 -26.09 -8.42 0.28
C TYR B 29 -26.50 -7.00 0.70
N PRO B 30 -26.51 -6.71 2.02
CA PRO B 30 -26.79 -5.33 2.40
C PRO B 30 -25.75 -4.34 1.85
N VAL B 31 -24.48 -4.71 1.94
CA VAL B 31 -23.39 -3.87 1.45
C VAL B 31 -23.51 -3.63 -0.04
N PHE B 32 -23.80 -4.69 -0.79
CA PHE B 32 -23.94 -4.61 -2.25
C PHE B 32 -25.13 -3.73 -2.65
N ASN B 33 -26.20 -3.77 -1.85
CA ASN B 33 -27.35 -2.92 -2.09
C ASN B 33 -27.05 -1.45 -1.85
N GLU B 34 -26.23 -1.16 -0.84
CA GLU B 34 -25.82 0.21 -0.56
C GLU B 34 -24.86 0.71 -1.64
N LEU B 35 -24.07 -0.22 -2.17
CA LEU B 35 -23.13 0.09 -3.24
C LEU B 35 -23.85 0.30 -4.56
N GLU B 36 -25.03 -0.32 -4.69
CA GLU B 36 -25.80 -0.26 -5.93
C GLU B 36 -26.22 1.17 -6.28
N ARG B 37 -26.15 2.07 -5.30
CA ARG B 37 -26.47 3.47 -5.51
C ARG B 37 -25.23 4.27 -5.91
N VAL B 38 -24.08 3.83 -5.43
CA VAL B 38 -22.81 4.47 -5.76
C VAL B 38 -22.30 4.00 -7.12
N ASN B 39 -22.41 2.69 -7.35
CA ASN B 39 -21.99 2.09 -8.62
C ASN B 39 -22.69 0.75 -8.85
N LEU B 40 -23.53 0.69 -9.87
CA LEU B 40 -24.31 -0.51 -10.15
C LEU B 40 -23.45 -1.66 -10.71
N SER B 41 -22.50 -1.31 -11.57
CA SER B 41 -21.66 -2.32 -12.22
C SER B 41 -20.75 -3.04 -11.23
N ALA B 42 -20.11 -2.27 -10.35
CA ALA B 42 -19.23 -2.84 -9.34
C ALA B 42 -20.01 -3.74 -8.39
N ALA B 43 -21.16 -3.24 -7.93
CA ALA B 43 -22.03 -3.99 -7.03
C ALA B 43 -22.47 -5.30 -7.66
N GLN B 44 -22.90 -5.24 -8.92
CA GLN B 44 -23.38 -6.42 -9.63
C GLN B 44 -22.27 -7.45 -9.84
N THR B 45 -21.10 -6.97 -10.21
CA THR B 45 -19.95 -7.83 -10.46
C THR B 45 -19.52 -8.54 -9.17
N LEU B 46 -19.30 -7.76 -8.12
CA LEU B 46 -18.88 -8.29 -6.83
C LEU B 46 -19.92 -9.28 -6.30
N ARG B 47 -21.19 -8.91 -6.40
CA ARG B 47 -22.27 -9.79 -5.97
C ARG B 47 -22.24 -11.11 -6.72
N ALA B 48 -22.05 -11.04 -8.04
CA ALA B 48 -21.99 -12.23 -8.87
C ALA B 48 -20.83 -13.13 -8.46
N ALA B 49 -19.67 -12.53 -8.25
CA ALA B 49 -18.49 -13.25 -7.79
C ALA B 49 -18.75 -13.96 -6.46
N PHE B 50 -19.34 -13.25 -5.51
CA PHE B 50 -19.64 -13.83 -4.20
C PHE B 50 -20.66 -14.95 -4.28
N ILE B 51 -21.65 -14.80 -5.17
CA ILE B 51 -22.66 -15.84 -5.38
C ILE B 51 -22.01 -17.11 -5.94
N LYS B 52 -21.21 -16.95 -6.99
CA LYS B 52 -20.49 -18.07 -7.59
C LYS B 52 -19.63 -18.78 -6.56
N ALA B 53 -18.79 -18.01 -5.89
CA ALA B 53 -17.88 -18.54 -4.90
C ALA B 53 -18.62 -19.25 -3.76
N GLU B 54 -19.77 -18.71 -3.38
CA GLU B 54 -20.54 -19.26 -2.27
C GLU B 54 -21.21 -20.56 -2.66
N LYS B 55 -21.80 -20.60 -3.84
CA LYS B 55 -22.46 -21.81 -4.32
C LYS B 55 -21.46 -22.93 -4.55
N GLU B 56 -20.31 -22.61 -5.15
CA GLU B 56 -19.29 -23.61 -5.37
C GLU B 56 -18.62 -24.05 -4.06
N ASN B 57 -18.55 -23.13 -3.11
CA ASN B 57 -17.95 -23.41 -1.81
C ASN B 57 -18.76 -22.83 -0.67
N PRO B 58 -19.73 -23.59 -0.16
CA PRO B 58 -20.57 -23.13 0.95
C PRO B 58 -19.76 -22.83 2.21
N GLY B 59 -20.02 -21.68 2.82
CA GLY B 59 -19.31 -21.28 4.02
C GLY B 59 -18.07 -20.47 3.75
N LEU B 60 -17.91 -20.05 2.49
CA LEU B 60 -16.74 -19.30 2.07
C LEU B 60 -16.81 -17.85 2.53
N THR B 61 -17.95 -17.21 2.29
CA THR B 61 -18.19 -15.84 2.71
C THR B 61 -17.92 -15.67 4.21
N GLN B 62 -18.39 -16.65 4.99
CA GLN B 62 -18.14 -16.69 6.42
C GLN B 62 -16.64 -16.62 6.69
N ASP B 63 -15.88 -17.51 6.08
CA ASP B 63 -14.42 -17.56 6.28
C ASP B 63 -13.76 -16.25 5.89
N ILE B 64 -14.26 -15.63 4.83
CA ILE B 64 -13.74 -14.35 4.37
C ILE B 64 -13.96 -13.26 5.42
N ILE B 65 -15.19 -13.17 5.92
CA ILE B 65 -15.53 -12.17 6.92
C ILE B 65 -14.74 -12.38 8.22
N MET B 66 -14.56 -13.63 8.62
CA MET B 66 -13.77 -13.93 9.81
C MET B 66 -12.32 -13.54 9.61
N LYS B 67 -11.79 -13.83 8.41
CA LYS B 67 -10.44 -13.43 8.05
C LYS B 67 -10.28 -11.92 8.09
N ILE B 68 -11.33 -11.21 7.71
CA ILE B 68 -11.31 -9.75 7.76
C ILE B 68 -11.30 -9.26 9.21
N LEU B 69 -12.12 -9.89 10.05
CA LEU B 69 -12.18 -9.55 11.47
C LEU B 69 -10.85 -9.83 12.17
N GLU B 70 -10.12 -10.84 11.67
CA GLU B 70 -8.84 -11.20 12.26
C GLU B 70 -7.74 -10.21 11.89
N LYS B 71 -7.91 -9.55 10.76
CA LYS B 71 -6.94 -8.55 10.31
C LYS B 71 -7.42 -7.14 10.61
N LYS B 72 -8.13 -6.99 11.73
CA LYS B 72 -8.73 -5.71 12.10
C LYS B 72 -7.67 -4.68 12.47
N SER B 73 -6.55 -5.15 13.02
CA SER B 73 -5.47 -4.26 13.43
C SER B 73 -4.91 -3.48 12.25
N VAL B 74 -4.87 -4.13 11.08
CA VAL B 74 -4.45 -3.47 9.85
C VAL B 74 -5.36 -2.31 9.53
N GLU B 75 -6.66 -2.51 9.74
CA GLU B 75 -7.65 -1.49 9.46
C GLU B 75 -7.56 -0.34 10.45
N VAL B 76 -7.31 -0.68 11.71
CA VAL B 76 -7.12 0.33 12.75
C VAL B 76 -5.91 1.21 12.41
N ASN B 77 -4.80 0.55 12.10
CA ASN B 77 -3.59 1.24 11.69
C ASN B 77 -3.80 2.11 10.46
N PHE B 78 -4.61 1.61 9.51
CA PHE B 78 -4.88 2.34 8.28
C PHE B 78 -5.72 3.59 8.51
N THR B 79 -6.82 3.45 9.25
CA THR B 79 -7.68 4.58 9.55
C THR B 79 -6.94 5.63 10.37
N GLU B 80 -6.15 5.16 11.35
CA GLU B 80 -5.35 6.05 12.16
C GLU B 80 -4.32 6.77 11.30
N SER B 81 -3.77 6.05 10.33
CA SER B 81 -2.80 6.61 9.40
C SER B 81 -3.43 7.73 8.58
N LEU B 82 -4.65 7.51 8.11
CA LEU B 82 -5.36 8.52 7.36
C LEU B 82 -5.62 9.75 8.23
N LEU B 83 -5.97 9.50 9.49
CA LEU B 83 -6.25 10.58 10.41
C LEU B 83 -5.01 11.43 10.69
N ARG B 84 -3.87 10.77 10.85
CA ARG B 84 -2.60 11.47 11.08
C ARG B 84 -2.14 12.22 9.83
N MET B 85 -2.28 11.57 8.68
CA MET B 85 -1.85 12.15 7.41
C MET B 85 -2.80 13.25 6.94
N ALA B 86 -3.95 13.37 7.61
CA ALA B 86 -4.89 14.45 7.32
C ALA B 86 -4.29 15.80 7.70
N ALA B 87 -3.22 15.77 8.47
CA ALA B 87 -2.50 16.99 8.86
C ALA B 87 -1.78 17.59 7.66
N ASP B 88 -1.45 16.75 6.69
CA ASP B 88 -0.77 17.19 5.48
C ASP B 88 -1.73 17.97 4.56
N ASP B 89 -3.02 17.86 4.84
CA ASP B 89 -4.02 18.66 4.14
C ASP B 89 -4.14 20.02 4.81
N VAL B 90 -2.99 20.68 4.96
CA VAL B 90 -2.93 21.98 5.63
C VAL B 90 -3.78 23.01 4.91
N GLU B 91 -3.38 23.35 3.70
CA GLU B 91 -4.08 24.36 2.92
C GLU B 91 -4.61 23.79 1.61
N GLU B 92 -5.18 22.60 1.68
CA GLU B 92 -5.84 21.99 0.53
C GLU B 92 -7.27 22.49 0.45
N TYR B 93 -7.79 22.58 -0.77
CA TYR B 93 -9.14 23.12 -1.01
C TYR B 93 -9.29 24.54 -0.50
N MET B 94 -8.22 25.33 -0.58
CA MET B 94 -8.27 26.73 -0.19
C MET B 94 -9.07 27.54 -1.20
N ILE B 95 -10.02 28.33 -0.70
CA ILE B 95 -10.88 29.13 -1.56
C ILE B 95 -10.12 30.33 -2.13
N PRO B 98 -11.35 34.97 -1.34
CA PRO B 98 -10.84 36.31 -1.64
C PRO B 98 -11.61 37.39 -0.89
N GLU B 99 -12.31 37.00 0.18
CA GLU B 99 -13.13 37.91 0.97
C GLU B 99 -12.98 37.55 2.45
N PRO B 100 -13.23 38.52 3.36
CA PRO B 100 -13.05 38.33 4.81
C PRO B 100 -13.70 37.06 5.38
N GLU B 101 -14.99 36.89 5.14
CA GLU B 101 -15.71 35.72 5.62
C GLU B 101 -15.13 34.43 5.04
N PHE B 102 -14.59 34.52 3.83
CA PHE B 102 -13.92 33.38 3.22
C PHE B 102 -12.64 33.05 3.99
N GLN B 103 -11.93 34.08 4.44
CA GLN B 103 -10.72 33.91 5.24
C GLN B 103 -11.06 33.21 6.56
N ASP B 104 -12.07 33.74 7.24
CA ASP B 104 -12.55 33.13 8.49
C ASP B 104 -12.90 31.67 8.27
N LEU B 105 -13.62 31.41 7.18
CA LEU B 105 -14.03 30.07 6.80
C LEU B 105 -12.84 29.12 6.65
N ASN B 106 -11.87 29.55 5.84
CA ASN B 106 -10.65 28.78 5.61
C ASN B 106 -9.91 28.48 6.91
N GLU B 107 -9.79 29.49 7.77
CA GLU B 107 -9.10 29.31 9.04
C GLU B 107 -9.83 28.33 9.95
N LYS B 108 -11.16 28.42 9.99
CA LYS B 108 -11.96 27.52 10.81
C LYS B 108 -11.84 26.07 10.36
N ALA B 109 -11.99 25.87 9.05
CA ALA B 109 -11.87 24.53 8.48
C ALA B 109 -10.49 23.96 8.74
N ARG B 110 -9.47 24.78 8.50
CA ARG B 110 -8.07 24.39 8.73
C ARG B 110 -7.84 23.98 10.17
N ALA B 111 -8.33 24.80 11.09
CA ALA B 111 -8.15 24.55 12.52
C ALA B 111 -8.85 23.25 12.94
N LEU B 112 -10.07 23.06 12.45
CA LEU B 112 -10.83 21.86 12.77
C LEU B 112 -10.12 20.60 12.27
N LYS B 113 -9.71 20.60 11.00
CA LYS B 113 -9.01 19.44 10.44
C LYS B 113 -7.68 19.18 11.17
N GLN B 114 -6.99 20.26 11.52
CA GLN B 114 -5.70 20.16 12.19
C GLN B 114 -5.84 19.58 13.59
N ILE B 115 -6.89 19.98 14.30
CA ILE B 115 -7.13 19.46 15.65
C ILE B 115 -7.69 18.03 15.59
N LEU B 116 -8.38 17.70 14.50
CA LEU B 116 -8.90 16.35 14.31
C LEU B 116 -7.77 15.37 13.98
N SER B 117 -6.74 15.87 13.29
CA SER B 117 -5.60 15.04 12.90
C SER B 117 -4.72 14.64 14.07
N LYS B 118 -4.86 15.33 15.20
CA LYS B 118 -4.03 15.07 16.37
C LYS B 118 -4.71 14.16 17.40
N ILE B 119 -5.88 13.64 17.03
CA ILE B 119 -6.60 12.69 17.89
C ILE B 119 -5.82 11.44 18.32
N PRO B 120 -5.15 10.76 17.35
CA PRO B 120 -4.41 9.54 17.76
C PRO B 120 -3.30 9.79 18.78
N ASP B 121 -2.82 11.03 18.87
CA ASP B 121 -1.78 11.38 19.84
C ASP B 121 -2.35 11.52 21.25
N GLU B 122 -3.56 12.05 21.35
CA GLU B 122 -4.13 12.39 22.65
C GLU B 122 -5.08 11.34 23.18
N ILE B 123 -5.52 10.43 22.31
CA ILE B 123 -6.57 9.47 22.68
C ILE B 123 -6.11 8.44 23.72
N ASN B 124 -4.81 8.25 23.84
CA ASN B 124 -4.27 7.29 24.80
C ASN B 124 -4.13 7.86 26.21
N ASP B 125 -4.53 9.12 26.37
CA ASP B 125 -4.52 9.77 27.67
C ASP B 125 -5.85 10.50 27.90
N ARG B 126 -6.55 10.12 28.96
CA ARG B 126 -7.90 10.61 29.22
C ARG B 126 -7.98 12.14 29.36
N VAL B 127 -7.03 12.72 30.07
CA VAL B 127 -7.00 14.17 30.27
C VAL B 127 -6.80 14.91 28.96
N ARG B 128 -5.69 14.59 28.28
CA ARG B 128 -5.36 15.19 27.00
C ARG B 128 -6.47 14.98 25.97
N PHE B 129 -7.07 13.79 25.99
CA PHE B 129 -8.14 13.48 25.06
C PHE B 129 -9.38 14.30 25.35
N LEU B 130 -9.67 14.52 26.63
CA LEU B 130 -10.84 15.31 27.04
C LEU B 130 -10.66 16.76 26.64
N GLN B 131 -9.47 17.30 26.87
CA GLN B 131 -9.13 18.66 26.45
C GLN B 131 -9.24 18.77 24.94
N THR B 132 -8.83 17.71 24.24
CA THR B 132 -8.92 17.67 22.79
C THR B 132 -10.38 17.71 22.36
N ILE B 133 -11.24 17.02 23.10
CA ILE B 133 -12.69 17.05 22.84
C ILE B 133 -13.24 18.45 23.03
N LYS B 134 -12.75 19.15 24.06
CA LYS B 134 -13.11 20.55 24.27
C LYS B 134 -12.77 21.38 23.03
N ASP B 135 -11.50 21.35 22.66
CA ASP B 135 -11.01 22.13 21.52
C ASP B 135 -11.74 21.80 20.21
N ILE B 136 -12.03 20.52 20.00
CA ILE B 136 -12.76 20.08 18.82
C ILE B 136 -14.18 20.64 18.84
N ALA B 137 -14.83 20.59 20.00
CA ALA B 137 -16.17 21.14 20.16
C ALA B 137 -16.19 22.63 19.80
N SER B 138 -15.20 23.35 20.32
CA SER B 138 -15.07 24.77 20.03
C SER B 138 -14.87 25.02 18.53
N ALA B 139 -14.02 24.20 17.91
CA ALA B 139 -13.74 24.32 16.47
C ALA B 139 -14.99 24.06 15.61
N ILE B 140 -15.76 23.05 15.98
CA ILE B 140 -16.98 22.71 15.25
C ILE B 140 -18.01 23.82 15.41
N LYS B 141 -18.14 24.34 16.63
CA LYS B 141 -19.08 25.44 16.88
C LYS B 141 -18.70 26.68 16.07
N GLU B 142 -17.43 27.04 16.09
CA GLU B 142 -16.95 28.22 15.36
C GLU B 142 -17.11 28.06 13.85
N LEU B 143 -16.79 26.88 13.34
CA LEU B 143 -16.96 26.60 11.92
C LEU B 143 -18.44 26.64 11.55
N LEU B 144 -19.29 26.22 12.49
CA LEU B 144 -20.74 26.27 12.29
C LEU B 144 -21.20 27.72 12.14
N ASP B 145 -20.79 28.56 13.08
CA ASP B 145 -21.12 29.99 13.05
C ASP B 145 -20.61 30.65 11.77
N THR B 146 -19.41 30.27 11.34
CA THR B 146 -18.81 30.82 10.14
C THR B 146 -19.60 30.40 8.90
N VAL B 147 -20.03 29.14 8.87
CA VAL B 147 -20.88 28.63 7.80
C VAL B 147 -22.18 29.43 7.76
N ASN B 148 -22.70 29.74 8.94
CA ASN B 148 -23.88 30.60 9.04
C ASN B 148 -23.62 32.00 8.50
N ASN B 149 -22.38 32.48 8.65
CA ASN B 149 -21.99 33.76 8.08
C ASN B 149 -21.94 33.73 6.56
N VAL B 150 -21.36 32.67 6.01
CA VAL B 150 -21.26 32.50 4.56
C VAL B 150 -22.65 32.44 3.94
N PHE B 151 -23.57 31.79 4.64
CA PHE B 151 -24.96 31.69 4.18
C PHE B 151 -25.63 33.05 4.18
N GLU B 163 -27.69 23.92 1.58
CA GLU B 163 -27.86 23.64 3.00
C GLU B 163 -27.73 22.15 3.29
N HIS B 164 -27.67 21.36 2.23
CA HIS B 164 -27.54 19.91 2.35
C HIS B 164 -26.21 19.54 3.01
N GLN B 165 -25.15 20.23 2.60
CA GLN B 165 -23.81 20.00 3.16
C GLN B 165 -23.76 20.38 4.63
N LYS B 166 -24.56 21.36 5.02
CA LYS B 166 -24.65 21.78 6.42
C LYS B 166 -25.26 20.67 7.25
N LYS B 167 -26.38 20.12 6.79
CA LYS B 167 -27.06 19.03 7.48
C LYS B 167 -26.17 17.79 7.51
N GLU B 168 -25.38 17.60 6.45
CA GLU B 168 -24.41 16.50 6.40
C GLU B 168 -23.37 16.67 7.50
N PHE B 169 -22.76 17.85 7.54
CA PHE B 169 -21.73 18.17 8.53
C PHE B 169 -22.25 17.99 9.95
N VAL B 170 -23.47 18.47 10.20
CA VAL B 170 -24.08 18.35 11.52
C VAL B 170 -24.35 16.88 11.86
N LYS B 171 -24.85 16.14 10.87
CA LYS B 171 -25.14 14.73 11.02
C LYS B 171 -23.90 13.95 11.44
N TYR B 172 -22.81 14.15 10.71
CA TYR B 172 -21.56 13.46 11.01
C TYR B 172 -20.90 13.99 12.28
N SER B 173 -21.26 15.21 12.66
CA SER B 173 -20.76 15.80 13.90
C SER B 173 -21.39 15.13 15.12
N LYS B 174 -22.71 15.08 15.13
CA LYS B 174 -23.44 14.41 16.21
C LYS B 174 -23.15 12.91 16.19
N SER B 175 -22.87 12.39 14.99
CA SER B 175 -22.46 11.00 14.85
C SER B 175 -21.09 10.79 15.48
N PHE B 176 -20.23 11.80 15.39
CA PHE B 176 -18.91 11.76 15.99
C PHE B 176 -19.04 11.81 17.51
N SER B 177 -19.97 12.65 17.99
CA SER B 177 -20.26 12.72 19.43
C SER B 177 -20.75 11.38 19.97
N ASP B 178 -21.72 10.79 19.27
CA ASP B 178 -22.27 9.50 19.66
C ASP B 178 -21.20 8.42 19.57
N THR B 179 -20.26 8.60 18.65
CA THR B 179 -19.13 7.70 18.50
C THR B 179 -18.20 7.80 19.70
N LEU B 180 -18.04 9.02 20.22
CA LEU B 180 -17.28 9.23 21.45
C LEU B 180 -17.98 8.55 22.62
N LYS B 181 -19.29 8.74 22.71
CA LYS B 181 -20.12 8.10 23.72
C LYS B 181 -19.94 6.59 23.69
N THR B 182 -19.88 6.04 22.49
CA THR B 182 -19.69 4.60 22.31
C THR B 182 -18.27 4.20 22.69
N TYR B 183 -17.32 5.10 22.46
CA TYR B 183 -15.92 4.83 22.76
C TYR B 183 -15.66 4.75 24.26
N PHE B 184 -16.26 5.64 25.02
CA PHE B 184 -16.08 5.64 26.47
C PHE B 184 -16.63 4.38 27.12
N LYS B 185 -17.53 3.69 26.42
CA LYS B 185 -18.03 2.39 26.86
C LYS B 185 -17.09 1.29 26.38
N ASP B 186 -16.93 1.21 25.06
CA ASP B 186 -16.09 0.19 24.43
C ASP B 186 -14.62 0.38 24.76
N GLY B 187 -14.00 1.32 24.06
CA GLY B 187 -12.56 1.54 24.17
C GLY B 187 -11.92 1.34 22.81
N LYS B 188 -12.75 1.15 21.80
CA LYS B 188 -12.29 0.97 20.43
C LYS B 188 -12.06 2.30 19.74
N ALA B 189 -10.79 2.62 19.47
CA ALA B 189 -10.41 3.91 18.91
C ALA B 189 -10.70 4.01 17.42
N ILE B 190 -10.82 2.86 16.76
CA ILE B 190 -11.05 2.82 15.31
C ILE B 190 -12.35 3.53 14.90
N ASN B 191 -13.38 3.41 15.73
CA ASN B 191 -14.65 4.10 15.47
C ASN B 191 -14.45 5.60 15.45
N VAL B 192 -13.74 6.09 16.46
CA VAL B 192 -13.43 7.51 16.57
C VAL B 192 -12.61 7.98 15.38
N PHE B 193 -11.62 7.18 15.00
CA PHE B 193 -10.77 7.49 13.85
C PHE B 193 -11.59 7.64 12.57
N VAL B 194 -12.47 6.66 12.33
CA VAL B 194 -13.32 6.66 11.16
C VAL B 194 -14.28 7.86 11.14
N SER B 195 -14.95 8.10 12.26
CA SER B 195 -15.89 9.23 12.35
C SER B 195 -15.17 10.56 12.14
N ALA B 196 -13.97 10.68 12.69
CA ALA B 196 -13.14 11.87 12.52
C ALA B 196 -12.77 12.08 11.06
N ASN B 197 -12.34 11.00 10.40
CA ASN B 197 -12.00 11.04 8.99
C ASN B 197 -13.19 11.43 8.12
N ARG B 198 -14.37 10.94 8.49
CA ARG B 198 -15.59 11.27 7.76
C ARG B 198 -15.98 12.72 7.95
N LEU B 199 -15.74 13.25 9.15
CA LEU B 199 -16.01 14.65 9.44
C LEU B 199 -15.07 15.54 8.63
N ILE B 200 -13.81 15.13 8.54
CA ILE B 200 -12.82 15.84 7.73
C ILE B 200 -13.22 15.84 6.26
N HIS B 201 -13.60 14.68 5.76
CA HIS B 201 -14.06 14.53 4.39
C HIS B 201 -15.26 15.44 4.13
N GLN B 202 -16.17 15.50 5.09
CA GLN B 202 -17.34 16.37 4.98
C GLN B 202 -16.90 17.82 4.87
N THR B 203 -16.00 18.23 5.75
CA THR B 203 -15.45 19.60 5.72
C THR B 203 -14.88 19.92 4.34
N ASN B 204 -14.11 18.99 3.78
CA ASN B 204 -13.57 19.15 2.43
C ASN B 204 -14.67 19.29 1.38
N LEU B 205 -15.72 18.49 1.51
CA LEU B 205 -16.85 18.55 0.57
C LEU B 205 -17.51 19.92 0.61
N ILE B 206 -17.69 20.44 1.82
CA ILE B 206 -18.28 21.76 2.00
C ILE B 206 -17.37 22.83 1.39
N LEU B 207 -16.06 22.67 1.57
CA LEU B 207 -15.09 23.58 0.94
C LEU B 207 -15.18 23.53 -0.58
N GLN B 208 -15.50 22.35 -1.11
CA GLN B 208 -15.69 22.20 -2.55
C GLN B 208 -16.96 22.90 -3.00
N THR B 209 -18.03 22.75 -2.23
CA THR B 209 -19.30 23.38 -2.52
C THR B 209 -19.16 24.90 -2.53
N PHE B 210 -18.38 25.42 -1.59
CA PHE B 210 -18.12 26.85 -1.50
C PHE B 210 -17.31 27.35 -2.68
N LYS B 211 -16.40 26.52 -3.16
CA LYS B 211 -15.50 26.90 -4.25
C LYS B 211 -16.25 27.03 -5.57
N MET C 3 -1.65 -18.20 -9.09
CA MET C 3 -0.56 -18.34 -8.13
C MET C 3 -1.02 -19.14 -6.91
N ARG C 4 -0.52 -20.36 -6.79
CA ARG C 4 -0.87 -21.22 -5.66
C ARG C 4 0.11 -20.99 -4.50
N MET C 5 -0.40 -21.11 -3.28
CA MET C 5 0.41 -20.84 -2.09
C MET C 5 0.34 -21.99 -1.10
N THR C 6 1.46 -22.27 -0.45
CA THR C 6 1.52 -23.34 0.55
C THR C 6 1.07 -22.84 1.92
N MET C 7 0.78 -23.78 2.83
CA MET C 7 0.32 -23.44 4.17
C MET C 7 1.36 -22.64 4.95
N GLU C 8 2.64 -22.93 4.69
CA GLU C 8 3.74 -22.21 5.31
C GLU C 8 3.66 -20.72 4.99
N GLU C 9 3.64 -20.41 3.70
CA GLU C 9 3.57 -19.02 3.25
C GLU C 9 2.26 -18.37 3.69
N MET C 10 1.22 -19.18 3.84
CA MET C 10 -0.08 -18.70 4.29
C MET C 10 -0.04 -18.22 5.74
N LYS C 11 0.55 -19.04 6.61
CA LYS C 11 0.69 -18.67 8.01
C LYS C 11 1.65 -17.50 8.17
N ASN C 12 2.76 -17.56 7.43
CA ASN C 12 3.74 -16.47 7.42
C ASN C 12 3.12 -15.15 6.96
N GLU C 13 2.15 -15.24 6.06
CA GLU C 13 1.46 -14.06 5.55
C GLU C 13 0.43 -13.58 6.58
N ALA C 14 -0.20 -14.53 7.27
CA ALA C 14 -1.20 -14.21 8.27
C ALA C 14 -0.58 -13.54 9.49
N GLU C 15 0.70 -13.84 9.76
CA GLU C 15 1.37 -13.26 10.90
C GLU C 15 2.06 -11.94 10.58
N THR C 16 2.11 -11.58 9.30
CA THR C 16 2.70 -10.31 8.87
C THR C 16 1.62 -9.26 8.61
N THR C 17 1.09 -8.67 9.68
CA THR C 17 0.06 -7.66 9.56
C THR C 17 0.52 -6.32 10.13
N SER C 18 1.77 -6.28 10.61
CA SER C 18 2.35 -5.05 11.13
C SER C 18 2.41 -4.00 10.03
N MET C 19 2.32 -2.72 10.42
CA MET C 19 2.29 -1.64 9.46
C MET C 19 3.55 -1.57 8.61
N VAL C 20 4.69 -1.89 9.22
CA VAL C 20 5.97 -1.85 8.50
C VAL C 20 6.00 -2.86 7.34
N SER C 21 5.16 -3.86 7.41
CA SER C 21 5.11 -4.92 6.40
C SER C 21 4.11 -4.61 5.27
N MET C 22 3.43 -3.48 5.38
CA MET C 22 2.47 -3.06 4.36
C MET C 22 3.00 -2.90 2.93
N PRO C 23 4.23 -2.35 2.77
CA PRO C 23 4.75 -2.23 1.40
C PRO C 23 4.84 -3.54 0.64
N LEU C 24 4.91 -4.66 1.35
CA LEU C 24 4.88 -5.97 0.71
C LEU C 24 3.60 -6.12 -0.10
N TYR C 25 2.47 -5.85 0.54
CA TYR C 25 1.17 -6.01 -0.08
C TYR C 25 0.85 -4.86 -1.05
N ALA C 26 1.09 -3.64 -0.60
CA ALA C 26 0.75 -2.46 -1.37
C ALA C 26 1.62 -2.29 -2.62
N VAL C 27 2.87 -2.73 -2.54
CA VAL C 27 3.81 -2.55 -3.65
C VAL C 27 4.21 -3.86 -4.34
N MET C 28 4.59 -4.87 -3.56
CA MET C 28 5.14 -6.09 -4.16
C MET C 28 4.07 -7.02 -4.71
N TYR C 29 2.96 -7.12 -3.99
CA TYR C 29 1.84 -7.96 -4.43
C TYR C 29 1.30 -7.63 -5.83
N PRO C 30 1.02 -6.33 -6.12
CA PRO C 30 0.56 -6.02 -7.48
C PRO C 30 1.59 -6.38 -8.54
N VAL C 31 2.87 -6.27 -8.20
CA VAL C 31 3.95 -6.64 -9.11
C VAL C 31 3.89 -8.14 -9.40
N PHE C 32 3.69 -8.93 -8.35
CA PHE C 32 3.61 -10.38 -8.47
C PHE C 32 2.44 -10.81 -9.34
N ASN C 33 1.35 -10.04 -9.29
CA ASN C 33 0.16 -10.34 -10.09
C ASN C 33 0.34 -10.02 -11.57
N GLU C 34 0.98 -8.90 -11.86
CA GLU C 34 1.26 -8.51 -13.23
C GLU C 34 2.34 -9.41 -13.82
N LEU C 35 3.13 -10.01 -12.92
CA LEU C 35 4.20 -10.92 -13.30
C LEU C 35 3.65 -12.30 -13.67
N GLU C 36 2.43 -12.58 -13.22
CA GLU C 36 1.82 -13.88 -13.42
C GLU C 36 1.66 -14.26 -14.90
N ARG C 37 1.59 -13.24 -15.76
CA ARG C 37 1.49 -13.46 -17.19
C ARG C 37 2.81 -14.02 -17.74
N VAL C 38 3.87 -13.25 -17.55
CA VAL C 38 5.17 -13.57 -18.13
C VAL C 38 5.76 -14.88 -17.60
N ASN C 39 5.80 -15.01 -16.27
CA ASN C 39 6.38 -16.19 -15.64
C ASN C 39 5.66 -16.53 -14.34
N LEU C 40 4.98 -17.68 -14.33
CA LEU C 40 4.18 -18.09 -13.17
C LEU C 40 5.07 -18.54 -12.02
N SER C 41 5.99 -19.47 -12.31
CA SER C 41 6.87 -20.02 -11.29
C SER C 41 7.78 -18.97 -10.66
N ALA C 42 8.23 -18.02 -11.46
CA ALA C 42 9.06 -16.93 -10.95
C ALA C 42 8.24 -16.03 -10.04
N ALA C 43 6.99 -15.79 -10.40
CA ALA C 43 6.09 -14.98 -9.59
C ALA C 43 5.86 -15.65 -8.24
N GLN C 44 5.53 -16.94 -8.26
CA GLN C 44 5.32 -17.69 -7.03
C GLN C 44 6.56 -17.71 -6.16
N THR C 45 7.71 -17.98 -6.77
CA THR C 45 8.98 -18.06 -6.03
C THR C 45 9.34 -16.72 -5.40
N LEU C 46 9.27 -15.65 -6.18
CA LEU C 46 9.54 -14.31 -5.67
C LEU C 46 8.61 -13.96 -4.52
N ARG C 47 7.32 -14.19 -4.72
CA ARG C 47 6.32 -13.90 -3.68
C ARG C 47 6.61 -14.67 -2.40
N ALA C 48 6.91 -15.95 -2.52
CA ALA C 48 7.24 -16.79 -1.37
C ALA C 48 8.47 -16.25 -0.64
N ALA C 49 9.50 -15.90 -1.40
CA ALA C 49 10.73 -15.37 -0.84
C ALA C 49 10.46 -14.10 -0.04
N PHE C 50 9.69 -13.18 -0.62
CA PHE C 50 9.33 -11.95 0.06
C PHE C 50 8.49 -12.20 1.30
N ILE C 51 7.63 -13.22 1.23
CA ILE C 51 6.80 -13.59 2.38
C ILE C 51 7.67 -14.04 3.54
N LYS C 52 8.60 -14.97 3.28
CA LYS C 52 9.48 -15.47 4.32
C LYS C 52 10.35 -14.35 4.89
N ALA C 53 10.96 -13.57 3.99
CA ALA C 53 11.83 -12.47 4.38
C ALA C 53 11.10 -11.45 5.24
N GLU C 54 9.84 -11.17 4.90
CA GLU C 54 9.06 -10.21 5.65
C GLU C 54 8.60 -10.78 6.99
N LYS C 55 8.38 -12.09 7.02
CA LYS C 55 8.01 -12.76 8.25
C LYS C 55 9.14 -12.72 9.27
N GLU C 56 10.33 -13.13 8.84
CA GLU C 56 11.48 -13.22 9.73
C GLU C 56 12.03 -11.85 10.11
N ASN C 57 11.83 -10.86 9.23
CA ASN C 57 12.33 -9.51 9.48
C ASN C 57 11.34 -8.44 9.04
N PRO C 58 10.34 -8.15 9.90
CA PRO C 58 9.33 -7.12 9.60
C PRO C 58 9.95 -5.76 9.31
N GLY C 59 9.66 -5.22 8.12
CA GLY C 59 10.20 -3.94 7.70
C GLY C 59 11.24 -4.10 6.61
N LEU C 60 11.53 -5.34 6.27
CA LEU C 60 12.53 -5.67 5.26
C LEU C 60 12.17 -5.13 3.88
N THR C 61 10.93 -5.39 3.46
CA THR C 61 10.43 -4.94 2.16
C THR C 61 10.51 -3.42 2.03
N GLN C 62 10.06 -2.71 3.07
CA GLN C 62 10.12 -1.26 3.09
C GLN C 62 11.56 -0.76 2.88
N ASP C 63 12.51 -1.34 3.62
CA ASP C 63 13.91 -0.96 3.50
C ASP C 63 14.46 -1.22 2.10
N ILE C 64 14.12 -2.39 1.54
CA ILE C 64 14.50 -2.71 0.17
C ILE C 64 13.97 -1.66 -0.81
N ILE C 65 12.69 -1.37 -0.72
CA ILE C 65 12.04 -0.40 -1.61
C ILE C 65 12.68 0.98 -1.50
N MET C 66 12.99 1.40 -0.29
CA MET C 66 13.62 2.70 -0.09
C MET C 66 15.04 2.73 -0.64
N LYS C 67 15.76 1.63 -0.47
CA LYS C 67 17.11 1.49 -1.01
C LYS C 67 17.07 1.52 -2.55
N ILE C 68 15.98 1.02 -3.11
CA ILE C 68 15.76 1.06 -4.55
C ILE C 68 15.48 2.49 -5.00
N LEU C 69 14.65 3.19 -4.25
CA LEU C 69 14.33 4.58 -4.55
C LEU C 69 15.54 5.50 -4.42
N GLU C 70 16.47 5.13 -3.56
CA GLU C 70 17.70 5.90 -3.38
C GLU C 70 18.62 5.75 -4.59
N LYS C 71 18.51 4.62 -5.28
CA LYS C 71 19.30 4.37 -6.48
C LYS C 71 18.54 4.75 -7.74
N LYS C 72 17.84 5.87 -7.67
CA LYS C 72 17.02 6.35 -8.78
C LYS C 72 17.87 6.80 -9.96
N SER C 73 18.97 7.49 -9.66
CA SER C 73 19.89 7.97 -10.69
C SER C 73 20.45 6.83 -11.54
N VAL C 74 20.65 5.68 -10.90
CA VAL C 74 21.15 4.50 -11.61
C VAL C 74 20.15 4.08 -12.67
N GLU C 75 18.88 4.04 -12.30
CA GLU C 75 17.82 3.65 -13.21
C GLU C 75 17.60 4.67 -14.30
N VAL C 76 17.74 5.95 -13.97
CA VAL C 76 17.60 7.01 -14.97
C VAL C 76 18.71 6.86 -16.00
N ASN C 77 19.94 6.69 -15.54
CA ASN C 77 21.07 6.48 -16.44
C ASN C 77 20.93 5.23 -17.29
N PHE C 78 20.41 4.17 -16.69
CA PHE C 78 20.24 2.91 -17.40
C PHE C 78 19.18 3.02 -18.50
N THR C 79 18.07 3.67 -18.16
CA THR C 79 17.01 3.90 -19.14
C THR C 79 17.50 4.81 -20.26
N GLU C 80 18.30 5.81 -19.90
CA GLU C 80 18.94 6.68 -20.89
C GLU C 80 19.77 5.85 -21.86
N SER C 81 20.54 4.92 -21.30
CA SER C 81 21.39 4.04 -22.10
C SER C 81 20.55 3.16 -23.03
N LEU C 82 19.43 2.63 -22.52
CA LEU C 82 18.54 1.81 -23.34
C LEU C 82 17.98 2.62 -24.50
N LEU C 83 17.62 3.88 -24.23
CA LEU C 83 17.09 4.75 -25.27
C LEU C 83 18.13 5.10 -26.31
N ARG C 84 19.35 5.38 -25.87
CA ARG C 84 20.44 5.70 -26.78
C ARG C 84 20.80 4.49 -27.64
N MET C 85 20.64 3.31 -27.06
CA MET C 85 20.99 2.05 -27.73
C MET C 85 19.99 1.65 -28.80
N ALA C 86 18.71 1.94 -28.53
CA ALA C 86 17.61 1.41 -29.36
C ALA C 86 17.61 1.90 -30.82
N ALA C 87 18.63 2.65 -31.22
CA ALA C 87 18.74 3.12 -32.59
C ALA C 87 20.10 2.83 -33.21
N ASP C 88 20.28 1.59 -33.68
CA ASP C 88 21.53 1.20 -34.33
C ASP C 88 21.28 0.59 -35.70
N GLU C 92 18.12 -6.36 -39.16
CA GLU C 92 17.12 -7.29 -38.64
C GLU C 92 15.71 -6.76 -38.87
N TYR C 93 15.54 -5.44 -38.74
CA TYR C 93 14.24 -4.80 -38.90
C TYR C 93 14.08 -4.22 -40.30
N MET C 94 15.19 -4.17 -41.04
CA MET C 94 15.20 -3.61 -42.37
C MET C 94 14.43 -4.49 -43.36
N ILE C 95 13.61 -3.86 -44.20
CA ILE C 95 12.82 -4.59 -45.19
C ILE C 95 13.71 -5.19 -46.28
N GLU C 96 13.47 -6.45 -46.61
CA GLU C 96 14.26 -7.16 -47.60
C GLU C 96 14.10 -6.58 -49.00
N ARG C 97 12.90 -6.10 -49.31
CA ARG C 97 12.60 -5.56 -50.63
C ARG C 97 13.39 -4.29 -50.95
N PRO C 98 14.06 -4.29 -52.12
CA PRO C 98 14.81 -3.14 -52.61
C PRO C 98 13.93 -2.23 -53.47
N GLU C 99 12.84 -1.73 -52.89
CA GLU C 99 11.89 -0.90 -53.62
C GLU C 99 11.79 0.47 -52.96
N PRO C 100 11.63 1.53 -53.78
CA PRO C 100 11.59 2.93 -53.35
C PRO C 100 10.67 3.19 -52.16
N GLU C 101 9.50 2.55 -52.17
CA GLU C 101 8.55 2.71 -51.07
C GLU C 101 9.13 2.15 -49.77
N PHE C 102 9.73 0.97 -49.86
CA PHE C 102 10.36 0.33 -48.71
C PHE C 102 11.70 0.97 -48.39
N GLN C 103 12.30 1.61 -49.39
CA GLN C 103 13.49 2.41 -49.17
C GLN C 103 13.15 3.55 -48.23
N ASP C 104 12.13 4.31 -48.59
CA ASP C 104 11.67 5.42 -47.77
C ASP C 104 11.11 4.94 -46.43
N LEU C 105 10.57 3.73 -46.40
CA LEU C 105 10.06 3.16 -45.17
C LEU C 105 11.21 2.90 -44.19
N ASN C 106 12.22 2.17 -44.65
CA ASN C 106 13.40 1.90 -43.85
C ASN C 106 14.11 3.17 -43.42
N GLU C 107 14.23 4.12 -44.33
CA GLU C 107 14.92 5.37 -44.04
C GLU C 107 14.16 6.25 -43.04
N LYS C 108 12.84 6.27 -43.16
CA LYS C 108 12.00 7.06 -42.25
C LYS C 108 12.00 6.44 -40.85
N ALA C 109 11.92 5.12 -40.80
CA ALA C 109 11.98 4.40 -39.52
C ALA C 109 13.33 4.63 -38.85
N ARG C 110 14.40 4.48 -39.62
CA ARG C 110 15.76 4.69 -39.15
C ARG C 110 15.93 6.12 -38.61
N ALA C 111 15.36 7.08 -39.34
CA ALA C 111 15.43 8.48 -38.97
C ALA C 111 14.72 8.73 -37.65
N LEU C 112 13.48 8.27 -37.55
CA LEU C 112 12.69 8.45 -36.34
C LEU C 112 13.37 7.84 -35.12
N LYS C 113 13.81 6.60 -35.24
CA LYS C 113 14.49 5.93 -34.14
C LYS C 113 15.77 6.67 -33.77
N GLN C 114 16.46 7.20 -34.78
CA GLN C 114 17.69 7.96 -34.56
C GLN C 114 17.44 9.22 -33.74
N ILE C 115 16.39 9.96 -34.12
CA ILE C 115 16.03 11.19 -33.41
C ILE C 115 15.55 10.91 -32.00
N LEU C 116 14.81 9.81 -31.82
CA LEU C 116 14.29 9.44 -30.51
C LEU C 116 15.38 9.03 -29.53
N SER C 117 16.50 8.55 -30.06
CA SER C 117 17.58 8.01 -29.24
C SER C 117 18.48 9.09 -28.66
N LYS C 118 18.28 10.33 -29.08
CA LYS C 118 19.13 11.43 -28.64
C LYS C 118 18.48 12.29 -27.58
N ILE C 119 17.26 11.91 -27.19
CA ILE C 119 16.52 12.62 -26.14
C ILE C 119 17.27 12.83 -24.81
N PRO C 120 17.95 11.79 -24.28
CA PRO C 120 18.63 11.99 -23.00
C PRO C 120 19.76 13.03 -23.07
N ASP C 121 20.23 13.32 -24.27
CA ASP C 121 21.34 14.25 -24.43
C ASP C 121 20.90 15.62 -24.95
N GLU C 122 19.59 15.79 -25.11
CA GLU C 122 19.04 17.06 -25.58
C GLU C 122 18.01 17.62 -24.61
N ILE C 123 17.55 16.79 -23.68
CA ILE C 123 16.45 17.16 -22.79
C ILE C 123 16.85 18.24 -21.78
N ASN C 124 18.14 18.33 -21.46
CA ASN C 124 18.62 19.31 -20.51
C ASN C 124 18.81 20.71 -21.10
N ASP C 125 18.53 20.83 -22.40
CA ASP C 125 18.59 22.12 -23.08
C ASP C 125 17.23 22.38 -23.73
N ARG C 126 16.49 23.34 -23.18
CA ARG C 126 15.13 23.63 -23.62
C ARG C 126 15.01 23.88 -25.12
N VAL C 127 15.92 24.65 -25.67
CA VAL C 127 15.91 24.95 -27.10
C VAL C 127 16.12 23.70 -27.92
N ARG C 128 17.22 23.01 -27.66
CA ARG C 128 17.55 21.77 -28.35
C ARG C 128 16.46 20.72 -28.14
N PHE C 129 15.83 20.73 -26.98
CA PHE C 129 14.79 19.76 -26.67
C PHE C 129 13.51 20.02 -27.46
N LEU C 130 13.11 21.29 -27.54
CA LEU C 130 11.94 21.66 -28.33
C LEU C 130 12.17 21.38 -29.81
N GLN C 131 13.36 21.74 -30.30
CA GLN C 131 13.69 21.48 -31.69
C GLN C 131 13.70 19.98 -31.96
N THR C 132 14.18 19.22 -30.98
CA THR C 132 14.16 17.77 -31.03
C THR C 132 12.72 17.26 -31.13
N ILE C 133 11.82 17.87 -30.37
CA ILE C 133 10.40 17.51 -30.40
C ILE C 133 9.82 17.75 -31.79
N LYS C 134 10.14 18.89 -32.39
CA LYS C 134 9.67 19.20 -33.74
C LYS C 134 10.24 18.22 -34.78
N ASP C 135 11.50 17.84 -34.59
CA ASP C 135 12.14 16.84 -35.45
C ASP C 135 11.42 15.51 -35.34
N ILE C 136 11.07 15.13 -34.12
CA ILE C 136 10.33 13.90 -33.87
C ILE C 136 8.97 13.98 -34.56
N ALA C 137 8.36 15.16 -34.51
CA ALA C 137 7.07 15.38 -35.16
C ALA C 137 7.15 15.15 -36.66
N SER C 138 8.13 15.79 -37.29
CA SER C 138 8.34 15.62 -38.74
C SER C 138 8.65 14.17 -39.10
N ALA C 139 9.47 13.51 -38.28
CA ALA C 139 9.84 12.13 -38.52
C ALA C 139 8.63 11.21 -38.46
N ILE C 140 7.80 11.40 -37.43
CA ILE C 140 6.58 10.63 -37.28
C ILE C 140 5.66 10.84 -38.47
N LYS C 141 5.46 12.11 -38.83
CA LYS C 141 4.59 12.46 -39.95
C LYS C 141 5.05 11.81 -41.25
N GLU C 142 6.34 11.90 -41.54
CA GLU C 142 6.89 11.35 -42.78
C GLU C 142 6.85 9.82 -42.81
N LEU C 143 7.18 9.20 -41.68
CA LEU C 143 7.11 7.75 -41.57
C LEU C 143 5.68 7.27 -41.81
N LEU C 144 4.72 7.97 -41.21
CA LEU C 144 3.31 7.66 -41.41
C LEU C 144 2.93 7.84 -42.88
N ASP C 145 3.47 8.88 -43.51
CA ASP C 145 3.23 9.12 -44.92
C ASP C 145 3.71 7.96 -45.78
N THR C 146 4.87 7.42 -45.44
CA THR C 146 5.43 6.29 -46.17
C THR C 146 4.61 5.03 -45.94
N VAL C 147 4.19 4.83 -44.69
CA VAL C 147 3.34 3.69 -44.35
C VAL C 147 2.04 3.73 -45.15
N ASN C 148 1.42 4.89 -45.22
CA ASN C 148 0.22 5.08 -46.03
C ASN C 148 0.52 4.89 -47.52
N ASN C 149 1.71 5.27 -47.93
CA ASN C 149 2.13 5.14 -49.32
C ASN C 149 2.27 3.67 -49.73
N VAL C 150 2.69 2.83 -48.79
CA VAL C 150 2.75 1.39 -49.03
C VAL C 150 1.35 0.79 -48.98
N PHE C 151 0.49 1.38 -48.17
CA PHE C 151 -0.91 0.96 -48.06
C PHE C 151 -1.70 1.28 -49.32
N LYS C 152 -1.06 1.91 -50.31
CA LYS C 152 -1.74 2.35 -51.51
C LYS C 152 -1.37 1.51 -52.73
N LYS C 153 -0.14 1.02 -52.78
CA LYS C 153 0.36 0.33 -53.97
C LYS C 153 0.62 -1.16 -53.78
N TYR C 154 -0.01 -1.77 -52.77
CA TYR C 154 0.12 -3.20 -52.55
C TYR C 154 -1.15 -3.83 -52.00
N GLN C 155 -1.29 -3.80 -50.67
CA GLN C 155 -2.46 -4.35 -49.99
C GLN C 155 -2.67 -5.84 -50.29
N ASN C 158 -4.03 -8.84 -47.98
CA ASN C 158 -5.23 -9.19 -47.24
C ASN C 158 -4.96 -9.48 -45.77
N ARG C 159 -4.35 -8.51 -45.09
CA ARG C 159 -4.08 -8.63 -43.67
C ARG C 159 -4.52 -7.38 -42.91
N ARG C 160 -5.24 -7.59 -41.81
CA ARG C 160 -5.70 -6.47 -40.98
C ARG C 160 -4.76 -6.21 -39.81
N ALA C 161 -3.65 -6.96 -39.76
CA ALA C 161 -2.65 -6.76 -38.72
C ALA C 161 -1.89 -5.46 -38.96
N LEU C 162 -1.74 -5.11 -40.24
CA LEU C 162 -1.08 -3.86 -40.63
C LEU C 162 -1.82 -2.65 -40.08
N GLU C 163 -3.14 -2.64 -40.29
CA GLU C 163 -4.01 -1.58 -39.81
C GLU C 163 -3.88 -1.44 -38.29
N HIS C 164 -3.85 -2.59 -37.62
CA HIS C 164 -3.74 -2.61 -36.16
C HIS C 164 -2.40 -2.06 -35.68
N GLN C 165 -1.32 -2.41 -36.38
CA GLN C 165 0.00 -1.93 -36.01
C GLN C 165 0.12 -0.43 -36.25
N LYS C 166 -0.55 0.05 -37.29
CA LYS C 166 -0.62 1.49 -37.54
C LYS C 166 -1.36 2.18 -36.39
N LYS C 167 -2.51 1.61 -36.02
CA LYS C 167 -3.28 2.08 -34.87
C LYS C 167 -2.43 2.16 -33.62
N GLU C 168 -1.62 1.12 -33.39
CA GLU C 168 -0.74 1.05 -32.24
C GLU C 168 0.31 2.14 -32.27
N PHE C 169 0.94 2.31 -33.43
CA PHE C 169 1.95 3.35 -33.60
C PHE C 169 1.38 4.73 -33.29
N VAL C 170 0.20 5.01 -33.84
CA VAL C 170 -0.46 6.30 -33.58
C VAL C 170 -0.78 6.46 -32.09
N LYS C 171 -1.23 5.37 -31.48
CA LYS C 171 -1.61 5.38 -30.08
C LYS C 171 -0.42 5.69 -29.18
N TYR C 172 0.72 5.07 -29.48
CA TYR C 172 1.93 5.28 -28.68
C TYR C 172 2.58 6.63 -29.00
N SER C 173 2.30 7.15 -30.19
CA SER C 173 2.75 8.50 -30.55
C SER C 173 2.00 9.54 -29.72
N LYS C 174 0.69 9.38 -29.64
CA LYS C 174 -0.14 10.25 -28.82
C LYS C 174 0.21 10.05 -27.35
N SER C 175 0.57 8.84 -27.00
CA SER C 175 1.02 8.54 -25.64
C SER C 175 2.31 9.29 -25.32
N PHE C 176 3.19 9.37 -26.32
CA PHE C 176 4.45 10.11 -26.18
C PHE C 176 4.17 11.59 -26.03
N SER C 177 3.23 12.11 -26.83
CA SER C 177 2.84 13.50 -26.71
C SER C 177 2.28 13.84 -25.33
N ASP C 178 1.38 13.00 -24.83
CA ASP C 178 0.81 13.21 -23.51
C ASP C 178 1.88 13.10 -22.44
N THR C 179 2.81 12.18 -22.63
CA THR C 179 3.94 12.03 -21.71
C THR C 179 4.77 13.32 -21.69
N LEU C 180 4.94 13.93 -22.85
CA LEU C 180 5.65 15.20 -22.96
C LEU C 180 4.90 16.29 -22.21
N LYS C 181 3.59 16.32 -22.38
CA LYS C 181 2.75 17.30 -21.71
C LYS C 181 2.84 17.16 -20.19
N THR C 182 2.80 15.93 -19.70
CA THR C 182 2.87 15.66 -18.27
C THR C 182 4.26 15.96 -17.72
N TYR C 183 5.28 15.73 -18.55
CA TYR C 183 6.67 15.98 -18.16
C TYR C 183 6.92 17.45 -17.83
N PHE C 184 6.31 18.34 -18.62
CA PHE C 184 6.43 19.77 -18.38
C PHE C 184 5.57 20.20 -17.19
N LYS C 185 4.87 19.23 -16.58
CA LYS C 185 4.07 19.50 -15.39
C LYS C 185 4.67 18.85 -14.14
N ASP C 186 5.38 17.73 -14.32
CA ASP C 186 5.96 17.04 -13.17
C ASP C 186 7.49 17.21 -13.07
N GLY C 187 8.20 16.81 -14.11
CA GLY C 187 9.65 16.89 -14.12
C GLY C 187 10.31 15.53 -14.26
N LYS C 188 9.50 14.47 -14.25
CA LYS C 188 10.01 13.11 -14.39
C LYS C 188 10.42 12.81 -15.83
N ALA C 189 11.71 12.88 -16.09
CA ALA C 189 12.24 12.68 -17.44
C ALA C 189 12.25 11.20 -17.83
N ILE C 190 12.32 10.33 -16.81
CA ILE C 190 12.35 8.89 -17.04
C ILE C 190 11.07 8.41 -17.75
N ASN C 191 9.96 9.12 -17.51
CA ASN C 191 8.72 8.83 -18.23
C ASN C 191 8.86 9.09 -19.71
N VAL C 192 9.49 10.21 -20.04
CA VAL C 192 9.78 10.56 -21.42
C VAL C 192 10.70 9.51 -22.06
N PHE C 193 11.73 9.11 -21.32
CA PHE C 193 12.67 8.10 -21.82
C PHE C 193 11.96 6.78 -22.14
N VAL C 194 11.22 6.27 -21.17
CA VAL C 194 10.45 5.03 -21.33
C VAL C 194 9.44 5.13 -22.48
N SER C 195 8.75 6.26 -22.57
CA SER C 195 7.78 6.48 -23.63
C SER C 195 8.45 6.41 -25.00
N ALA C 196 9.59 7.08 -25.12
CA ALA C 196 10.37 7.05 -26.34
C ALA C 196 10.78 5.62 -26.69
N ASN C 197 11.16 4.85 -25.67
CA ASN C 197 11.48 3.43 -25.86
C ASN C 197 10.32 2.67 -26.45
N ARG C 198 9.12 2.87 -25.88
CA ARG C 198 7.93 2.21 -26.36
C ARG C 198 7.65 2.58 -27.82
N LEU C 199 7.83 3.86 -28.14
CA LEU C 199 7.61 4.34 -29.51
C LEU C 199 8.57 3.69 -30.49
N ILE C 200 9.83 3.59 -30.10
CA ILE C 200 10.84 2.91 -30.92
C ILE C 200 10.45 1.46 -31.14
N HIS C 201 10.02 0.79 -30.06
CA HIS C 201 9.60 -0.60 -30.16
C HIS C 201 8.40 -0.75 -31.10
N GLN C 202 7.52 0.25 -31.11
CA GLN C 202 6.38 0.24 -32.01
C GLN C 202 6.79 0.41 -33.47
N THR C 203 7.78 1.26 -33.70
CA THR C 203 8.33 1.43 -35.04
C THR C 203 8.91 0.10 -35.53
N ASN C 204 9.66 -0.55 -34.64
CA ASN C 204 10.18 -1.88 -34.92
C ASN C 204 9.07 -2.88 -35.21
N LEU C 205 7.96 -2.76 -34.50
CA LEU C 205 6.80 -3.61 -34.74
C LEU C 205 6.23 -3.39 -36.13
N ILE C 206 6.21 -2.13 -36.58
CA ILE C 206 5.75 -1.83 -37.92
C ILE C 206 6.66 -2.44 -38.98
N LEU C 207 7.96 -2.19 -38.85
CA LEU C 207 8.93 -2.75 -39.79
C LEU C 207 8.86 -4.27 -39.86
N GLN C 208 8.81 -4.91 -38.69
CA GLN C 208 8.73 -6.37 -38.61
C GLN C 208 7.43 -6.89 -39.21
N THR C 209 6.34 -6.17 -38.96
CA THR C 209 5.04 -6.54 -39.51
C THR C 209 5.07 -6.49 -41.03
N PHE C 210 5.73 -5.48 -41.58
CA PHE C 210 5.89 -5.39 -43.03
C PHE C 210 6.87 -6.43 -43.56
N LYS C 211 7.75 -6.92 -42.70
CA LYS C 211 8.65 -8.01 -43.08
C LYS C 211 7.90 -9.34 -43.17
N THR C 212 7.23 -9.69 -42.08
CA THR C 212 6.46 -10.94 -42.04
C THR C 212 4.97 -10.68 -42.04
N THR D 17 25.97 -12.31 -19.37
CA THR D 17 24.61 -11.81 -19.21
C THR D 17 24.34 -10.61 -20.12
N SER D 18 23.06 -10.32 -20.33
CA SER D 18 22.67 -9.24 -21.24
C SER D 18 22.63 -7.89 -20.56
N MET D 19 22.62 -6.83 -21.37
CA MET D 19 22.61 -5.47 -20.87
C MET D 19 21.36 -5.17 -20.07
N VAL D 20 20.26 -5.80 -20.46
CA VAL D 20 18.97 -5.56 -19.82
C VAL D 20 18.93 -6.16 -18.41
N SER D 21 19.94 -6.95 -18.07
CA SER D 21 20.02 -7.59 -16.76
C SER D 21 20.85 -6.78 -15.77
N MET D 22 21.37 -5.64 -16.21
CA MET D 22 22.18 -4.77 -15.35
C MET D 22 21.53 -4.31 -14.03
N PRO D 23 20.24 -3.92 -14.04
CA PRO D 23 19.63 -3.46 -12.79
C PRO D 23 19.68 -4.47 -11.65
N LEU D 24 19.79 -5.76 -11.97
CA LEU D 24 19.92 -6.79 -10.94
C LEU D 24 21.17 -6.55 -10.10
N TYR D 25 22.30 -6.39 -10.77
CA TYR D 25 23.58 -6.24 -10.11
C TYR D 25 23.85 -4.82 -9.64
N ALA D 26 23.23 -3.85 -10.32
CA ALA D 26 23.42 -2.45 -10.00
C ALA D 26 22.53 -2.00 -8.84
N VAL D 27 21.39 -2.66 -8.69
CA VAL D 27 20.41 -2.27 -7.69
C VAL D 27 20.13 -3.35 -6.65
N MET D 28 19.78 -4.55 -7.10
CA MET D 28 19.34 -5.60 -6.19
C MET D 28 20.50 -6.23 -5.42
N TYR D 29 21.59 -6.52 -6.13
CA TYR D 29 22.78 -7.10 -5.50
C TYR D 29 23.37 -6.29 -4.33
N PRO D 30 23.47 -4.96 -4.45
CA PRO D 30 23.93 -4.19 -3.28
C PRO D 30 23.02 -4.37 -2.08
N VAL D 31 21.71 -4.41 -2.32
CA VAL D 31 20.75 -4.60 -1.24
C VAL D 31 20.91 -5.98 -0.62
N PHE D 32 21.08 -6.99 -1.47
CA PHE D 32 21.22 -8.36 -1.01
C PHE D 32 22.47 -8.55 -0.16
N ASN D 33 23.57 -7.91 -0.55
CA ASN D 33 24.81 -8.01 0.18
C ASN D 33 24.76 -7.30 1.54
N GLU D 34 23.93 -6.27 1.63
CA GLU D 34 23.77 -5.53 2.89
C GLU D 34 22.77 -6.22 3.80
N LEU D 35 21.84 -6.94 3.21
CA LEU D 35 20.90 -7.77 3.95
C LEU D 35 21.63 -9.04 4.39
N GLU D 36 22.66 -9.39 3.64
CA GLU D 36 23.46 -10.58 3.91
C GLU D 36 24.15 -10.50 5.28
N ARG D 37 24.32 -9.28 5.78
CA ARG D 37 24.94 -9.07 7.08
C ARG D 37 23.92 -9.01 8.21
N VAL D 38 22.66 -9.33 7.89
CA VAL D 38 21.60 -9.38 8.89
C VAL D 38 20.98 -10.78 8.91
N ASN D 39 20.44 -11.18 7.77
CA ASN D 39 19.90 -12.53 7.61
C ASN D 39 20.37 -13.17 6.31
N LEU D 40 21.38 -14.03 6.42
CA LEU D 40 21.97 -14.68 5.26
C LEU D 40 20.96 -15.52 4.48
N SER D 41 20.04 -16.15 5.19
CA SER D 41 19.03 -17.01 4.57
C SER D 41 18.08 -16.21 3.69
N ALA D 42 17.61 -15.07 4.19
CA ALA D 42 16.71 -14.20 3.44
C ALA D 42 17.41 -13.63 2.22
N ALA D 43 18.64 -13.18 2.41
CA ALA D 43 19.44 -12.63 1.33
C ALA D 43 19.66 -13.66 0.23
N GLN D 44 20.02 -14.89 0.62
CA GLN D 44 20.27 -15.95 -0.34
C GLN D 44 19.00 -16.40 -1.06
N THR D 45 17.89 -16.42 -0.34
CA THR D 45 16.60 -16.82 -0.93
C THR D 45 16.11 -15.79 -1.93
N LEU D 46 16.15 -14.52 -1.55
CA LEU D 46 15.75 -13.43 -2.43
C LEU D 46 16.66 -13.39 -3.66
N ARG D 47 17.96 -13.49 -3.42
CA ARG D 47 18.94 -13.47 -4.50
C ARG D 47 18.70 -14.62 -5.46
N ALA D 48 18.45 -15.81 -4.92
CA ALA D 48 18.19 -16.99 -5.75
C ALA D 48 16.93 -16.80 -6.59
N ALA D 49 15.90 -16.25 -5.97
CA ALA D 49 14.64 -15.99 -6.67
C ALA D 49 14.86 -15.03 -7.84
N PHE D 50 15.54 -13.92 -7.57
CA PHE D 50 15.82 -12.93 -8.61
C PHE D 50 16.73 -13.49 -9.71
N ILE D 51 17.67 -14.34 -9.34
CA ILE D 51 18.54 -15.00 -10.31
C ILE D 51 17.71 -15.89 -11.23
N LYS D 52 16.84 -16.70 -10.64
CA LYS D 52 15.95 -17.56 -11.41
C LYS D 52 15.09 -16.74 -12.38
N ALA D 53 14.41 -15.74 -11.85
CA ALA D 53 13.53 -14.88 -12.65
C ALA D 53 14.26 -14.20 -13.80
N GLU D 54 15.39 -13.57 -13.49
CA GLU D 54 16.14 -12.83 -14.51
C GLU D 54 16.73 -13.77 -15.56
N LYS D 55 17.23 -14.92 -15.12
CA LYS D 55 17.80 -15.91 -16.02
C LYS D 55 16.74 -16.45 -16.98
N GLU D 56 15.55 -16.71 -16.45
CA GLU D 56 14.45 -17.22 -17.27
C GLU D 56 13.83 -16.12 -18.14
N ASN D 57 13.77 -14.91 -17.61
CA ASN D 57 13.20 -13.78 -18.35
C ASN D 57 14.02 -12.52 -18.20
N PRO D 58 15.04 -12.34 -19.06
CA PRO D 58 15.91 -11.17 -19.05
C PRO D 58 15.16 -9.85 -19.16
N GLY D 59 15.36 -8.96 -18.20
CA GLY D 59 14.68 -7.68 -18.18
C GLY D 59 13.57 -7.63 -17.15
N LEU D 60 13.38 -8.74 -16.44
CA LEU D 60 12.31 -8.85 -15.46
C LEU D 60 12.60 -8.01 -14.23
N THR D 61 13.84 -8.03 -13.77
CA THR D 61 14.25 -7.24 -12.62
C THR D 61 14.06 -5.76 -12.91
N GLN D 62 14.53 -5.32 -14.08
CA GLN D 62 14.32 -3.97 -14.57
C GLN D 62 12.83 -3.59 -14.55
N ASP D 63 11.99 -4.51 -15.01
CA ASP D 63 10.55 -4.31 -14.98
C ASP D 63 10.05 -4.06 -13.56
N ILE D 64 10.45 -4.94 -12.64
CA ILE D 64 10.09 -4.79 -11.23
C ILE D 64 10.49 -3.42 -10.66
N ILE D 65 11.75 -3.04 -10.89
CA ILE D 65 12.26 -1.76 -10.42
C ILE D 65 11.46 -0.60 -11.01
N MET D 66 11.01 -0.77 -12.25
CA MET D 66 10.17 0.25 -12.89
C MET D 66 8.79 0.31 -12.26
N LYS D 67 8.26 -0.85 -11.85
CA LYS D 67 6.96 -0.90 -11.18
C LYS D 67 7.06 -0.14 -9.87
N ILE D 68 8.15 -0.40 -9.13
CA ILE D 68 8.37 0.21 -7.83
C ILE D 68 8.62 1.71 -7.94
N LEU D 69 9.35 2.12 -8.98
CA LEU D 69 9.67 3.52 -9.20
C LEU D 69 8.44 4.38 -9.47
N GLU D 70 7.49 3.82 -10.23
CA GLU D 70 6.28 4.55 -10.62
C GLU D 70 5.28 4.68 -9.48
N LYS D 71 5.59 4.04 -8.35
CA LYS D 71 4.74 4.13 -7.17
C LYS D 71 5.49 4.88 -6.07
N LYS D 72 6.28 5.86 -6.47
CA LYS D 72 7.10 6.62 -5.55
C LYS D 72 6.27 7.43 -4.56
N SER D 73 5.24 8.09 -5.05
CA SER D 73 4.37 8.93 -4.23
C SER D 73 3.69 8.13 -3.12
N VAL D 74 3.26 6.91 -3.46
CA VAL D 74 2.62 6.02 -2.50
C VAL D 74 3.61 5.65 -1.40
N GLU D 75 4.85 5.41 -1.78
CA GLU D 75 5.88 5.02 -0.83
C GLU D 75 6.33 6.18 0.05
N VAL D 76 6.31 7.39 -0.49
CA VAL D 76 6.62 8.59 0.28
C VAL D 76 5.52 8.85 1.31
N ASN D 77 4.27 8.83 0.84
CA ASN D 77 3.12 8.96 1.73
C ASN D 77 3.16 7.94 2.85
N PHE D 78 3.44 6.69 2.49
CA PHE D 78 3.46 5.63 3.48
C PHE D 78 4.64 5.74 4.45
N THR D 79 5.79 6.21 3.96
CA THR D 79 6.96 6.37 4.80
C THR D 79 6.70 7.46 5.84
N GLU D 80 6.12 8.56 5.38
CA GLU D 80 5.74 9.65 6.27
C GLU D 80 4.72 9.19 7.31
N SER D 81 3.72 8.44 6.86
CA SER D 81 2.67 7.94 7.75
C SER D 81 3.25 6.99 8.79
N LEU D 82 4.22 6.18 8.36
CA LEU D 82 4.91 5.25 9.23
C LEU D 82 5.69 6.01 10.28
N LEU D 83 6.28 7.13 9.87
CA LEU D 83 7.00 7.99 10.81
C LEU D 83 6.04 8.59 11.83
N ARG D 84 4.87 9.05 11.35
CA ARG D 84 3.87 9.63 12.23
C ARG D 84 3.28 8.59 13.20
N MET D 85 3.23 7.34 12.74
CA MET D 85 2.64 6.25 13.53
C MET D 85 3.62 5.67 14.54
N ALA D 86 4.82 6.23 14.59
CA ALA D 86 5.86 5.72 15.48
C ALA D 86 5.62 6.15 16.92
N ALA D 87 4.71 7.09 17.11
CA ALA D 87 4.37 7.59 18.44
C ALA D 87 3.66 6.51 19.26
N ASP D 88 2.98 5.60 18.57
CA ASP D 88 2.23 4.53 19.22
C ASP D 88 3.16 3.46 19.79
N ASP D 89 2.74 2.83 20.87
CA ASP D 89 3.53 1.76 21.47
C ASP D 89 3.46 0.47 20.65
N TYR D 93 6.73 -3.27 21.52
CA TYR D 93 8.14 -3.23 21.87
C TYR D 93 8.35 -2.77 23.31
N MET D 94 7.26 -2.65 24.06
CA MET D 94 7.34 -2.27 25.47
C MET D 94 7.90 -3.43 26.28
N ILE D 95 8.73 -3.11 27.26
CA ILE D 95 9.37 -4.12 28.09
C ILE D 95 8.40 -4.68 29.14
N GLU D 96 8.41 -6.00 29.31
CA GLU D 96 7.53 -6.67 30.26
C GLU D 96 8.15 -6.70 31.65
N ARG D 97 8.49 -5.52 32.18
CA ARG D 97 9.13 -5.45 33.49
C ARG D 97 8.35 -4.57 34.46
N PRO D 98 8.23 -5.03 35.71
CA PRO D 98 7.47 -4.34 36.77
C PRO D 98 8.28 -3.25 37.47
N GLU D 99 9.60 -3.27 37.29
CA GLU D 99 10.47 -2.30 37.93
C GLU D 99 10.19 -0.88 37.43
N PRO D 100 10.42 0.13 38.27
CA PRO D 100 10.18 1.53 37.90
C PRO D 100 11.14 2.03 36.81
N GLU D 101 12.40 1.61 36.89
CA GLU D 101 13.41 2.06 35.94
C GLU D 101 13.12 1.59 34.51
N PHE D 102 12.40 0.47 34.38
CA PHE D 102 11.99 -0.02 33.07
C PHE D 102 10.82 0.80 32.53
N GLN D 103 9.99 1.30 33.44
CA GLN D 103 8.93 2.24 33.08
C GLN D 103 9.55 3.53 32.55
N ASP D 104 10.54 4.02 33.28
CA ASP D 104 11.26 5.23 32.88
C ASP D 104 11.97 5.04 31.54
N LEU D 105 12.60 3.89 31.35
CA LEU D 105 13.27 3.57 30.09
C LEU D 105 12.28 3.53 28.94
N ASN D 106 11.15 2.87 29.18
CA ASN D 106 10.05 2.84 28.20
C ASN D 106 9.59 4.24 27.82
N GLU D 107 9.53 5.13 28.80
CA GLU D 107 9.11 6.50 28.53
C GLU D 107 10.19 7.35 27.87
N LYS D 108 11.45 6.94 28.01
CA LYS D 108 12.55 7.60 27.34
C LYS D 108 12.55 7.24 25.86
N ALA D 109 12.43 5.95 25.58
CA ALA D 109 12.31 5.47 24.21
C ALA D 109 11.07 6.06 23.57
N ARG D 110 9.98 6.10 24.34
CA ARG D 110 8.74 6.74 23.91
C ARG D 110 8.98 8.20 23.58
N ALA D 111 9.80 8.86 24.38
CA ALA D 111 10.11 10.27 24.17
C ALA D 111 10.84 10.48 22.85
N LEU D 112 11.93 9.75 22.65
CA LEU D 112 12.70 9.85 21.41
C LEU D 112 11.84 9.55 20.18
N LYS D 113 11.08 8.45 20.24
CA LYS D 113 10.20 8.07 19.13
C LYS D 113 9.14 9.15 18.86
N GLN D 114 8.63 9.75 19.92
CA GLN D 114 7.60 10.77 19.80
C GLN D 114 8.14 12.05 19.18
N ILE D 115 9.36 12.43 19.57
CA ILE D 115 10.00 13.60 18.98
C ILE D 115 10.31 13.34 17.51
N LEU D 116 10.76 12.12 17.21
CA LEU D 116 11.05 11.72 15.83
C LEU D 116 9.79 11.72 14.97
N SER D 117 8.65 11.41 15.58
CA SER D 117 7.38 11.35 14.87
C SER D 117 6.84 12.73 14.50
N LYS D 118 7.33 13.76 15.18
CA LYS D 118 6.84 15.12 14.94
C LYS D 118 7.56 15.79 13.77
N ILE D 119 8.53 15.09 13.20
CA ILE D 119 9.31 15.62 12.07
C ILE D 119 8.48 16.10 10.87
N PRO D 120 7.51 15.29 10.38
CA PRO D 120 6.75 15.75 9.22
C PRO D 120 5.96 17.03 9.48
N ASP D 121 5.64 17.30 10.74
CA ASP D 121 4.93 18.52 11.12
C ASP D 121 5.87 19.72 11.21
N GLU D 122 7.02 19.50 11.84
CA GLU D 122 7.94 20.60 12.14
C GLU D 122 8.93 20.89 11.02
N ILE D 123 8.94 20.05 9.98
CA ILE D 123 9.87 20.24 8.87
C ILE D 123 9.41 21.37 7.95
N ASN D 124 8.18 21.84 8.16
CA ASN D 124 7.62 22.91 7.36
C ASN D 124 8.19 24.27 7.75
N ASP D 125 8.66 24.38 9.00
CA ASP D 125 9.27 25.60 9.49
C ASP D 125 10.72 25.33 9.89
N ARG D 126 11.64 26.17 9.43
CA ARG D 126 13.07 25.98 9.65
C ARG D 126 13.46 26.01 11.13
N VAL D 127 13.02 27.05 11.84
CA VAL D 127 13.38 27.23 13.24
C VAL D 127 12.91 26.06 14.11
N ARG D 128 11.63 25.75 14.03
CA ARG D 128 11.05 24.66 14.79
C ARG D 128 11.67 23.32 14.41
N PHE D 129 12.17 23.23 13.18
CA PHE D 129 12.83 22.02 12.74
C PHE D 129 14.22 21.88 13.37
N LEU D 130 14.97 22.98 13.41
CA LEU D 130 16.28 22.98 14.07
C LEU D 130 16.13 22.64 15.54
N GLN D 131 15.19 23.32 16.19
CA GLN D 131 14.88 23.05 17.59
C GLN D 131 14.48 21.59 17.78
N THR D 132 13.70 21.07 16.83
CA THR D 132 13.29 19.67 16.88
C THR D 132 14.49 18.74 16.82
N ILE D 133 15.48 19.09 16.00
CA ILE D 133 16.72 18.33 15.88
C ILE D 133 17.49 18.34 17.20
N LYS D 134 17.57 19.51 17.82
CA LYS D 134 18.21 19.63 19.13
C LYS D 134 17.53 18.70 20.14
N ASP D 135 16.19 18.74 20.14
CA ASP D 135 15.39 17.87 20.99
C ASP D 135 15.69 16.40 20.70
N ILE D 136 15.92 16.08 19.43
CA ILE D 136 16.23 14.72 19.02
C ILE D 136 17.56 14.26 19.60
N ALA D 137 18.59 15.09 19.49
CA ALA D 137 19.90 14.76 20.03
C ALA D 137 19.84 14.59 21.55
N SER D 138 19.20 15.55 22.21
CA SER D 138 19.04 15.50 23.66
C SER D 138 18.31 14.23 24.10
N ALA D 139 17.27 13.86 23.35
CA ALA D 139 16.53 12.65 23.65
C ALA D 139 17.36 11.40 23.39
N ILE D 140 18.25 11.49 22.41
CA ILE D 140 19.13 10.38 22.07
C ILE D 140 20.07 10.09 23.23
N LYS D 141 20.75 11.11 23.73
CA LYS D 141 21.64 10.89 24.87
C LYS D 141 20.88 10.60 26.16
N GLU D 142 19.68 11.17 26.29
CA GLU D 142 18.84 10.93 27.45
C GLU D 142 18.38 9.48 27.49
N LEU D 143 18.23 8.88 26.32
CA LEU D 143 17.83 7.47 26.22
C LEU D 143 19.05 6.56 26.39
N LEU D 144 20.16 6.97 25.79
CA LEU D 144 21.40 6.20 25.84
C LEU D 144 21.91 6.07 27.28
N ASP D 145 21.87 7.17 28.02
CA ASP D 145 22.27 7.16 29.42
C ASP D 145 21.35 6.27 30.24
N THR D 146 20.05 6.36 29.97
CA THR D 146 19.06 5.53 30.65
C THR D 146 19.34 4.05 30.41
N VAL D 147 19.75 3.73 29.18
CA VAL D 147 20.14 2.36 28.85
C VAL D 147 21.35 1.96 29.67
N ASN D 148 22.39 2.78 29.64
CA ASN D 148 23.62 2.54 30.40
C ASN D 148 23.39 2.46 31.91
N ASN D 149 22.24 2.95 32.37
CA ASN D 149 21.91 2.91 33.79
C ASN D 149 21.10 1.66 34.15
N VAL D 150 19.96 1.49 33.48
CA VAL D 150 19.08 0.36 33.72
C VAL D 150 19.77 -0.98 33.46
N PHE D 151 20.67 -1.01 32.48
CA PHE D 151 21.41 -2.22 32.19
C PHE D 151 22.39 -2.57 33.32
N LYS D 152 23.06 -1.56 33.83
CA LYS D 152 24.09 -1.76 34.85
C LYS D 152 23.49 -2.01 36.24
N LYS D 153 22.25 -1.59 36.45
CA LYS D 153 21.58 -1.78 37.73
C LYS D 153 21.01 -3.19 37.88
N TYR D 154 21.25 -4.03 36.88
CA TYR D 154 20.78 -5.41 36.90
C TYR D 154 21.84 -6.37 36.34
N GLN D 155 22.68 -5.83 35.45
CA GLN D 155 23.75 -6.59 34.81
C GLN D 155 23.24 -7.86 34.12
N TYR D 156 22.73 -7.71 32.91
CA TYR D 156 22.21 -8.83 32.14
C TYR D 156 23.31 -9.82 31.77
N ARG D 159 25.38 -9.61 27.44
CA ARG D 159 26.81 -9.33 27.45
C ARG D 159 27.11 -8.05 26.67
N ARG D 160 28.06 -8.13 25.73
CA ARG D 160 28.41 -6.97 24.91
C ARG D 160 27.53 -6.88 23.68
N ALA D 161 26.46 -7.67 23.68
CA ALA D 161 25.44 -7.60 22.64
C ALA D 161 24.75 -6.24 22.73
N LEU D 162 24.62 -5.75 23.97
CA LEU D 162 24.10 -4.42 24.21
C LEU D 162 25.04 -3.38 23.63
N GLU D 163 26.34 -3.63 23.75
CA GLU D 163 27.34 -2.72 23.20
C GLU D 163 27.29 -2.74 21.68
N HIS D 164 26.97 -3.90 21.12
CA HIS D 164 26.82 -4.05 19.68
C HIS D 164 25.61 -3.28 19.17
N GLN D 165 24.48 -3.45 19.87
CA GLN D 165 23.25 -2.74 19.52
C GLN D 165 23.45 -1.24 19.68
N LYS D 166 24.30 -0.87 20.65
CA LYS D 166 24.66 0.51 20.88
C LYS D 166 25.47 1.03 19.70
N LYS D 167 26.34 0.17 19.17
CA LYS D 167 27.15 0.51 18.00
C LYS D 167 26.25 0.75 16.78
N GLU D 168 25.24 -0.10 16.63
CA GLU D 168 24.28 0.06 15.54
C GLU D 168 23.49 1.36 15.68
N PHE D 169 22.97 1.59 16.88
CA PHE D 169 22.19 2.80 17.18
C PHE D 169 23.02 4.05 16.91
N VAL D 170 24.29 4.01 17.30
CA VAL D 170 25.21 5.10 17.07
C VAL D 170 25.45 5.31 15.57
N LYS D 171 25.66 4.21 14.85
CA LYS D 171 25.89 4.28 13.41
C LYS D 171 24.71 4.91 12.67
N TYR D 172 23.50 4.49 13.00
CA TYR D 172 22.32 5.06 12.36
C TYR D 172 22.02 6.48 12.87
N SER D 173 22.54 6.81 14.04
CA SER D 173 22.41 8.17 14.56
C SER D 173 23.30 9.13 13.78
N LYS D 174 24.54 8.73 13.55
CA LYS D 174 25.47 9.52 12.75
C LYS D 174 24.98 9.59 11.31
N SER D 175 24.41 8.48 10.84
CA SER D 175 23.80 8.43 9.51
C SER D 175 22.66 9.43 9.44
N PHE D 176 21.91 9.54 10.53
CA PHE D 176 20.82 10.51 10.62
C PHE D 176 21.35 11.93 10.56
N SER D 177 22.45 12.18 11.25
CA SER D 177 23.11 13.49 11.21
C SER D 177 23.62 13.83 9.81
N ASP D 178 24.09 12.81 9.09
CA ASP D 178 24.55 13.00 7.72
C ASP D 178 23.37 13.32 6.81
N THR D 179 22.24 12.67 7.08
CA THR D 179 21.02 12.95 6.34
C THR D 179 20.55 14.37 6.63
N LEU D 180 20.81 14.83 7.85
CA LEU D 180 20.53 16.20 8.23
C LEU D 180 21.38 17.15 7.41
N LYS D 181 22.69 16.88 7.37
CA LYS D 181 23.63 17.70 6.61
C LYS D 181 23.23 17.79 5.15
N THR D 182 22.80 16.66 4.60
CA THR D 182 22.43 16.57 3.20
C THR D 182 21.09 17.26 2.92
N TYR D 183 20.18 17.21 3.88
CA TYR D 183 18.84 17.76 3.69
C TYR D 183 18.85 19.27 3.44
N PHE D 184 19.71 19.98 4.15
CA PHE D 184 19.81 21.44 3.99
C PHE D 184 20.51 21.81 2.67
N LYS D 185 20.88 20.79 1.90
CA LYS D 185 21.52 21.01 0.61
C LYS D 185 20.57 20.66 -0.54
N ASP D 186 20.02 19.46 -0.52
CA ASP D 186 19.12 19.01 -1.58
C ASP D 186 17.66 19.40 -1.33
N GLY D 187 17.19 19.17 -0.11
CA GLY D 187 15.83 19.49 0.25
C GLY D 187 14.88 18.30 0.21
N LYS D 188 15.45 17.11 0.05
CA LYS D 188 14.66 15.88 0.00
C LYS D 188 14.32 15.39 1.40
N ALA D 189 13.07 15.58 1.81
CA ALA D 189 12.63 15.23 3.15
C ALA D 189 12.44 13.73 3.32
N ILE D 190 12.25 13.02 2.20
CA ILE D 190 12.03 11.58 2.24
C ILE D 190 13.22 10.84 2.86
N ASN D 191 14.43 11.33 2.59
CA ASN D 191 15.64 10.75 3.16
C ASN D 191 15.64 10.89 4.68
N VAL D 192 15.22 12.07 5.14
CA VAL D 192 15.09 12.35 6.56
C VAL D 192 14.08 11.40 7.20
N PHE D 193 12.94 11.21 6.53
CA PHE D 193 11.91 10.31 7.03
C PHE D 193 12.43 8.88 7.15
N VAL D 194 13.12 8.42 6.11
CA VAL D 194 13.70 7.08 6.11
C VAL D 194 14.70 6.88 7.23
N SER D 195 15.62 7.84 7.37
CA SER D 195 16.65 7.77 8.40
C SER D 195 16.02 7.77 9.79
N ALA D 196 15.01 8.59 9.97
CA ALA D 196 14.25 8.64 11.22
C ALA D 196 13.62 7.29 11.53
N ASN D 197 12.98 6.68 10.54
CA ASN D 197 12.38 5.36 10.70
C ASN D 197 13.40 4.30 11.06
N ARG D 198 14.59 4.40 10.47
CA ARG D 198 15.68 3.47 10.77
C ARG D 198 16.15 3.62 12.21
N LEU D 199 16.25 4.86 12.67
CA LEU D 199 16.63 5.13 14.05
C LEU D 199 15.57 4.59 15.02
N ILE D 200 14.30 4.74 14.64
CA ILE D 200 13.19 4.20 15.42
C ILE D 200 13.29 2.68 15.53
N HIS D 201 13.60 2.03 14.41
CA HIS D 201 13.82 0.60 14.41
C HIS D 201 14.96 0.24 15.34
N GLN D 202 15.98 1.09 15.37
CA GLN D 202 17.15 0.84 16.23
C GLN D 202 16.82 0.92 17.73
N THR D 203 16.10 1.97 18.14
CA THR D 203 15.70 2.07 19.54
C THR D 203 14.73 0.95 19.92
N ASN D 204 13.87 0.57 18.98
CA ASN D 204 13.03 -0.61 19.17
C ASN D 204 13.88 -1.85 19.43
N LEU D 205 15.00 -1.95 18.70
CA LEU D 205 15.92 -3.08 18.88
C LEU D 205 16.66 -3.02 20.21
N ILE D 206 16.87 -1.82 20.72
CA ILE D 206 17.45 -1.65 22.05
C ILE D 206 16.48 -2.18 23.10
N LEU D 207 15.23 -1.74 23.00
CA LEU D 207 14.17 -2.22 23.89
C LEU D 207 14.04 -3.73 23.83
N GLN D 208 14.13 -4.28 22.62
CA GLN D 208 14.04 -5.73 22.42
C GLN D 208 15.25 -6.43 23.04
N THR D 209 16.41 -5.77 22.98
CA THR D 209 17.62 -6.29 23.61
C THR D 209 17.42 -6.38 25.12
N PHE D 210 16.76 -5.38 25.69
CA PHE D 210 16.43 -5.41 27.12
C PHE D 210 15.39 -6.50 27.43
N LYS D 211 14.49 -6.74 26.49
CA LYS D 211 13.46 -7.77 26.67
C LYS D 211 14.04 -9.17 26.51
N THR D 212 14.96 -9.33 25.55
CA THR D 212 15.59 -10.62 25.29
C THR D 212 17.11 -10.53 25.49
N SER E 1 2.15 26.06 -30.08
CA SER E 1 3.47 25.82 -29.51
C SER E 1 4.16 24.63 -30.17
N THR E 2 5.06 23.98 -29.42
CA THR E 2 5.84 22.87 -29.97
C THR E 2 5.09 21.55 -29.89
N ILE E 3 4.50 21.27 -28.73
CA ILE E 3 3.73 20.04 -28.54
C ILE E 3 2.49 20.03 -29.43
N ASP E 4 1.92 21.21 -29.66
CA ASP E 4 0.78 21.35 -30.55
C ASP E 4 1.18 20.94 -31.97
N PHE E 5 2.40 21.31 -32.36
CA PHE E 5 2.93 20.96 -33.67
C PHE E 5 3.07 19.45 -33.82
N LEU E 6 3.42 18.79 -32.72
CA LEU E 6 3.55 17.34 -32.70
C LEU E 6 2.17 16.66 -32.84
N ASP E 7 1.18 17.20 -32.15
CA ASP E 7 -0.18 16.65 -32.22
C ASP E 7 -0.79 16.82 -33.60
N ARG E 8 -0.43 17.91 -34.29
CA ARG E 8 -0.88 18.12 -35.66
C ARG E 8 -0.11 17.25 -36.63
N ALA E 9 1.14 16.94 -36.28
CA ALA E 9 1.98 16.06 -37.10
C ALA E 9 1.46 14.62 -37.05
N ILE E 10 1.05 14.19 -35.86
CA ILE E 10 0.52 12.85 -35.67
C ILE E 10 -0.81 12.71 -36.41
N PHE E 11 -1.64 13.75 -36.32
CA PHE E 11 -2.95 13.74 -36.95
C PHE E 11 -2.86 13.69 -38.48
N ASP E 12 -2.05 14.58 -39.05
CA ASP E 12 -1.89 14.65 -40.50
C ASP E 12 -1.31 13.36 -41.09
N GLY E 13 -0.37 12.76 -40.37
CA GLY E 13 0.27 11.56 -40.84
C GLY E 13 -0.62 10.33 -40.76
N ALA E 14 -1.52 10.33 -39.78
CA ALA E 14 -2.39 9.18 -39.55
C ALA E 14 -3.69 9.27 -40.33
N SER E 15 -4.00 10.46 -40.84
CA SER E 15 -5.27 10.69 -41.52
C SER E 15 -5.20 10.38 -43.01
N THR E 16 -3.98 10.36 -43.54
CA THR E 16 -3.71 10.20 -44.99
C THR E 16 -4.75 10.85 -45.92
#